data_2OR0
#
_entry.id   2OR0
#
_cell.length_a   99.881
_cell.length_b   99.881
_cell.length_c   407.920
_cell.angle_alpha   90.00
_cell.angle_beta   90.00
_cell.angle_gamma   120.00
#
_symmetry.space_group_name_H-M   'P 65 2 2'
#
loop_
_entity.id
_entity.type
_entity.pdbx_description
1 polymer Hydroxylase
2 non-polymer 'ACETATE ION'
3 water water
#
_entity_poly.entity_id   1
_entity_poly.type   'polypeptide(L)'
_entity_poly.pdbx_seq_one_letter_code
;(MSE)GSSHHHHHHSSGRENLYFQG(MSE)GRVLDRIEVVAEEIRGQAVQSEADCRLTDAAAGLLRDSGAIRLLQPRLYG
GYEVHPREFAETV(MSE)GVAALDGASGWVTGIVGVHPWELAFADPQVQEEIWGEDNDTW(MSE)ASPYAP(MSE)GVAT
PVDGGYVLKGRWSFSSGTDHCQWAFLGA(MSE)VGDGEGGIATPSSLHVILPRTDYQIVEDTWDVIGLRGTGSKDLIVDG
AFVPGYRTLNAAKV(MSE)DGRAQKEAGRPEPLFN(MSE)PYSC(MSE)FPLGITAAVIGITEGALACHIAVQKDRVAIT
GQKIKEDPYVLSAIGESAAEINASRVSLIETADRFYDKVDAGKEITFEERAIGRRTQIAAAWRAVRAADEIFARAGGGAL
HYKTP(MSE)QRFWRDAHAGLAHAVHVPGPTNHASALTQLGGEPQG(MSE)(MSE)RA(MSE)IGS
;
_entity_poly.pdbx_strand_id   A,B
#
loop_
_chem_comp.id
_chem_comp.type
_chem_comp.name
_chem_comp.formula
ACT non-polymer 'ACETATE ION' 'C2 H3 O2 -1'
#
# COMPACT_ATOMS: atom_id res chain seq x y z
N GLY A 23 18.52 2.20 28.88
CA GLY A 23 19.95 1.99 28.49
C GLY A 23 20.52 3.23 27.81
N ARG A 24 21.85 3.31 27.77
CA ARG A 24 22.51 4.51 27.31
C ARG A 24 22.35 4.74 25.80
N VAL A 25 22.47 3.68 24.97
CA VAL A 25 22.34 3.87 23.52
C VAL A 25 21.01 4.56 23.14
N LEU A 26 19.89 4.07 23.68
CA LEU A 26 18.58 4.72 23.43
C LEU A 26 18.51 6.18 23.90
N ASP A 27 19.19 6.52 25.01
CA ASP A 27 19.27 7.91 25.48
C ASP A 27 20.04 8.76 24.49
N ARG A 28 21.12 8.21 23.93
CA ARG A 28 21.90 8.92 22.89
C ARG A 28 21.10 9.17 21.59
N ILE A 29 20.30 8.18 21.21
CA ILE A 29 19.37 8.28 20.09
C ILE A 29 18.32 9.38 20.35
N GLU A 30 17.81 9.45 21.58
CA GLU A 30 16.77 10.40 21.94
C GLU A 30 17.30 11.81 21.79
N VAL A 31 18.58 11.99 22.17
CA VAL A 31 19.27 13.26 22.06
C VAL A 31 19.37 13.74 20.60
N VAL A 32 19.66 12.83 19.68
CA VAL A 32 19.75 13.20 18.26
C VAL A 32 18.50 12.91 17.45
N ALA A 33 17.36 12.71 18.13
CA ALA A 33 16.09 12.36 17.49
C ALA A 33 15.72 13.28 16.36
N GLU A 34 15.87 14.59 16.60
CA GLU A 34 15.47 15.59 15.61
C GLU A 34 16.43 15.56 14.42
N GLU A 35 17.70 15.23 14.67
CA GLU A 35 18.70 15.12 13.59
C GLU A 35 18.41 13.88 12.73
N ILE A 36 17.99 12.79 13.38
CA ILE A 36 17.63 11.56 12.68
C ILE A 36 16.41 11.79 11.77
N ARG A 37 15.36 12.39 12.31
CA ARG A 37 14.17 12.74 11.54
C ARG A 37 14.58 13.69 10.41
N GLY A 38 15.56 14.55 10.70
CA GLY A 38 16.09 15.51 9.75
C GLY A 38 16.76 14.93 8.50
N GLN A 39 17.28 13.71 8.58
CA GLN A 39 17.94 13.08 7.42
C GLN A 39 17.01 12.18 6.58
N ALA A 40 15.83 11.88 7.12
CA ALA A 40 14.98 10.82 6.59
C ALA A 40 14.51 11.02 5.13
N VAL A 41 14.06 12.23 4.80
CA VAL A 41 13.56 12.53 3.47
C VAL A 41 14.70 12.39 2.43
N GLN A 42 15.88 12.85 2.80
CA GLN A 42 17.03 12.78 1.90
C GLN A 42 17.53 11.35 1.67
N SER A 43 17.59 10.53 2.73
CA SER A 43 17.94 9.10 2.56
C SER A 43 16.93 8.39 1.66
N GLU A 44 15.66 8.78 1.77
CA GLU A 44 14.67 8.17 0.93
C GLU A 44 14.87 8.56 -0.53
N ALA A 45 15.06 9.86 -0.77
CA ALA A 45 15.27 10.38 -2.11
C ALA A 45 16.52 9.74 -2.75
N ASP A 46 17.56 9.49 -1.94
CA ASP A 46 18.79 8.87 -2.43
C ASP A 46 18.72 7.36 -2.55
N CYS A 47 17.71 6.74 -1.94
CA CYS A 47 17.64 5.28 -1.77
C CYS A 47 18.87 4.71 -1.08
N ARG A 48 19.33 5.40 -0.04
CA ARG A 48 20.60 5.10 0.61
C ARG A 48 20.67 6.03 1.80
N LEU A 49 21.03 5.52 2.97
CA LEU A 49 21.21 6.40 4.12
C LEU A 49 22.26 7.45 3.78
N THR A 50 21.93 8.71 4.02
CA THR A 50 22.92 9.78 3.87
C THR A 50 24.09 9.47 4.82
N ASP A 51 25.24 10.08 4.55
CA ASP A 51 26.41 9.91 5.44
C ASP A 51 26.09 10.42 6.83
N ALA A 52 25.39 11.56 6.92
CA ALA A 52 24.93 12.06 8.21
C ALA A 52 24.00 11.07 8.94
N ALA A 53 23.08 10.41 8.22
CA ALA A 53 22.19 9.42 8.85
C ALA A 53 22.94 8.21 9.38
N ALA A 54 23.88 7.68 8.57
CA ALA A 54 24.73 6.57 8.99
C ALA A 54 25.61 6.97 10.17
N GLY A 55 26.10 8.21 10.12
CA GLY A 55 26.95 8.80 11.18
C GLY A 55 26.27 8.88 12.54
N LEU A 56 25.00 9.31 12.52
CA LEU A 56 24.15 9.34 13.70
C LEU A 56 24.00 7.97 14.35
N LEU A 57 23.80 6.92 13.54
CA LEU A 57 23.73 5.57 14.09
C LEU A 57 25.07 5.05 14.57
N ARG A 58 26.13 5.30 13.79
CA ARG A 58 27.45 4.80 14.14
C ARG A 58 27.92 5.40 15.46
N ASP A 59 27.81 6.72 15.57
CA ASP A 59 28.21 7.46 16.77
C ASP A 59 27.41 7.15 18.02
N SER A 60 26.14 6.74 17.85
CA SER A 60 25.26 6.46 18.99
C SER A 60 25.64 5.15 19.67
N GLY A 61 26.46 4.35 18.98
CA GLY A 61 26.78 3.00 19.44
C GLY A 61 25.73 1.95 19.16
N ALA A 62 24.68 2.28 18.40
CA ALA A 62 23.61 1.31 18.11
C ALA A 62 24.05 -0.04 17.53
N ILE A 63 25.03 -0.03 16.63
CA ILE A 63 25.47 -1.28 16.00
C ILE A 63 26.35 -2.11 16.96
N ARG A 64 26.90 -1.48 17.99
CA ARG A 64 27.69 -2.18 19.00
C ARG A 64 26.88 -2.82 20.14
N LEU A 65 25.56 -2.66 20.08
CA LEU A 65 24.65 -3.23 21.08
C LEU A 65 24.92 -4.69 21.42
N LEU A 66 25.12 -5.54 20.41
CA LEU A 66 25.30 -6.96 20.62
C LEU A 66 26.74 -7.40 20.32
N GLN A 67 27.63 -6.42 20.24
CA GLN A 67 29.05 -6.67 19.95
C GLN A 67 29.80 -7.11 21.23
N PRO A 68 30.81 -8.01 21.11
CA PRO A 68 31.66 -8.34 22.29
C PRO A 68 32.32 -7.11 22.92
N ARG A 69 32.44 -7.12 24.25
CA ARG A 69 33.12 -6.03 24.99
C ARG A 69 34.58 -5.92 24.60
N LEU A 70 35.19 -7.06 24.27
CA LEU A 70 36.56 -7.07 23.75
C LEU A 70 36.69 -6.07 22.60
N TYR A 71 35.65 -5.99 21.75
CA TYR A 71 35.72 -5.08 20.63
C TYR A 71 34.81 -3.86 20.75
N GLY A 72 34.70 -3.31 21.97
CA GLY A 72 34.01 -2.03 22.17
C GLY A 72 32.49 -2.13 22.30
N GLY A 73 31.97 -3.37 22.33
CA GLY A 73 30.55 -3.62 22.30
C GLY A 73 29.93 -3.57 23.68
N TYR A 74 28.60 -3.67 23.74
CA TYR A 74 27.89 -3.53 25.02
C TYR A 74 27.27 -4.80 25.53
N GLU A 75 27.26 -5.86 24.73
CA GLU A 75 26.59 -7.12 25.07
C GLU A 75 25.26 -6.97 25.82
N VAL A 76 24.40 -6.06 25.35
CA VAL A 76 23.10 -5.82 26.01
C VAL A 76 22.20 -7.07 26.03
N HIS A 77 21.25 -7.07 26.97
CA HIS A 77 20.20 -8.09 27.04
C HIS A 77 19.38 -7.92 25.76
N PRO A 78 18.91 -9.04 25.15
CA PRO A 78 18.06 -8.98 23.94
C PRO A 78 16.90 -7.96 24.03
N ARG A 79 16.30 -7.81 25.21
CA ARG A 79 15.20 -6.85 25.38
C ARG A 79 15.67 -5.46 25.06
N GLU A 80 16.84 -5.08 25.57
CA GLU A 80 17.38 -3.75 25.28
C GLU A 80 17.68 -3.55 23.78
N PHE A 81 18.23 -4.56 23.14
CA PHE A 81 18.45 -4.49 21.70
C PHE A 81 17.10 -4.23 21.00
N ALA A 82 16.10 -5.06 21.29
CA ALA A 82 14.82 -4.97 20.62
C ALA A 82 14.19 -3.58 20.81
N GLU A 83 14.21 -3.08 22.06
CA GLU A 83 13.60 -1.78 22.35
C GLU A 83 14.33 -0.63 21.68
N THR A 84 15.66 -0.74 21.57
CA THR A 84 16.45 0.30 20.92
C THR A 84 16.13 0.37 19.41
N VAL A 85 16.10 -0.78 18.76
CA VAL A 85 15.70 -0.87 17.35
C VAL A 85 14.31 -0.24 17.14
N MSE A 86 13.33 -0.66 17.96
CA MSE A 86 12.00 -0.09 17.89
C MSE A 86 12.05 1.41 18.05
O MSE A 86 11.34 2.11 17.39
CB MSE A 86 11.08 -0.70 18.94
CG MSE A 86 10.72 -2.11 18.69
SE MSE A 86 9.65 -2.81 20.19
CE MSE A 86 9.65 -4.70 19.80
N GLY A 87 12.91 1.90 18.95
CA GLY A 87 13.02 3.33 19.17
C GLY A 87 13.59 4.06 17.97
N VAL A 88 14.63 3.50 17.35
CA VAL A 88 15.23 4.09 16.14
C VAL A 88 14.22 4.04 14.98
N ALA A 89 13.58 2.86 14.82
CA ALA A 89 12.59 2.60 13.76
C ALA A 89 11.43 3.58 13.79
N ALA A 90 10.99 3.98 14.99
CA ALA A 90 9.91 4.98 15.13
C ALA A 90 10.32 6.38 14.68
N LEU A 91 11.63 6.65 14.67
CA LEU A 91 12.12 7.95 14.19
C LEU A 91 12.32 8.01 12.68
N ASP A 92 12.89 6.95 12.11
CA ASP A 92 13.12 6.83 10.65
C ASP A 92 13.20 5.36 10.41
N GLY A 93 12.25 4.81 9.63
CA GLY A 93 12.19 3.39 9.38
C GLY A 93 13.44 2.78 8.78
N ALA A 94 14.04 3.48 7.82
CA ALA A 94 15.29 2.99 7.20
C ALA A 94 16.42 2.83 8.23
N SER A 95 16.64 3.83 9.07
CA SER A 95 17.65 3.73 10.12
C SER A 95 17.32 2.60 11.06
N GLY A 96 16.03 2.45 11.40
CA GLY A 96 15.61 1.42 12.33
C GLY A 96 15.88 0.04 11.76
N TRP A 97 15.55 -0.12 10.47
CA TRP A 97 15.75 -1.37 9.76
C TRP A 97 17.23 -1.73 9.69
N VAL A 98 18.07 -0.73 9.38
CA VAL A 98 19.51 -0.99 9.22
C VAL A 98 20.13 -1.39 10.58
N THR A 99 19.67 -0.75 11.65
CA THR A 99 20.09 -1.09 13.03
C THR A 99 19.75 -2.52 13.41
N GLY A 100 18.52 -2.94 13.11
CA GLY A 100 18.11 -4.31 13.34
C GLY A 100 18.75 -5.42 12.51
N ILE A 101 19.32 -5.08 11.35
CA ILE A 101 19.97 -6.04 10.45
C ILE A 101 21.48 -6.01 10.65
N VAL A 102 22.08 -4.86 10.41
CA VAL A 102 23.51 -4.67 10.55
C VAL A 102 23.90 -4.92 12.04
N GLY A 103 22.99 -4.53 12.95
CA GLY A 103 23.16 -4.77 14.38
C GLY A 103 23.19 -6.20 14.88
N VAL A 104 22.67 -7.13 14.08
CA VAL A 104 22.69 -8.53 14.46
C VAL A 104 24.02 -9.24 14.06
N HIS A 105 24.70 -8.69 13.06
CA HIS A 105 25.92 -9.32 12.54
C HIS A 105 27.04 -9.49 13.59
N PRO A 106 27.25 -8.46 14.48
CA PRO A 106 28.23 -8.60 15.57
C PRO A 106 27.87 -9.73 16.52
N TRP A 107 26.58 -10.03 16.65
CA TRP A 107 26.15 -11.10 17.51
C TRP A 107 26.67 -12.45 16.99
N GLU A 108 26.50 -12.70 15.69
CA GLU A 108 26.95 -13.96 15.12
C GLU A 108 28.51 -14.01 15.04
N LEU A 109 29.14 -12.90 14.68
CA LEU A 109 30.58 -12.87 14.56
C LEU A 109 31.23 -13.19 15.93
N ALA A 110 30.49 -12.93 17.01
CA ALA A 110 31.00 -13.16 18.35
C ALA A 110 31.43 -14.59 18.49
N PHE A 111 30.75 -15.49 17.80
CA PHE A 111 31.14 -16.90 17.81
C PHE A 111 31.76 -17.39 16.49
N ALA A 112 32.19 -16.45 15.66
CA ALA A 112 33.07 -16.77 14.51
C ALA A 112 34.53 -16.85 15.01
N ASP A 113 35.40 -17.44 14.19
CA ASP A 113 36.83 -17.55 14.51
C ASP A 113 37.40 -16.25 15.02
N PRO A 114 38.17 -16.34 16.14
CA PRO A 114 38.75 -15.11 16.69
C PRO A 114 39.56 -14.31 15.66
N GLN A 115 40.11 -14.98 14.65
CA GLN A 115 40.91 -14.25 13.66
C GLN A 115 40.08 -13.27 12.80
N VAL A 116 38.86 -13.67 12.43
CA VAL A 116 38.05 -12.78 11.59
C VAL A 116 37.49 -11.61 12.40
N GLN A 117 37.21 -11.85 13.70
CA GLN A 117 36.72 -10.78 14.57
C GLN A 117 37.79 -9.70 14.66
N GLU A 118 39.05 -10.13 14.74
CA GLU A 118 40.20 -9.22 14.79
C GLU A 118 40.36 -8.49 13.47
N GLU A 119 40.21 -9.20 12.35
CA GLU A 119 40.26 -8.55 11.03
C GLU A 119 39.22 -7.45 10.87
N ILE A 120 37.99 -7.72 11.33
CA ILE A 120 36.87 -6.79 11.17
C ILE A 120 36.90 -5.64 12.17
N TRP A 121 37.12 -5.96 13.44
CA TRP A 121 37.04 -4.94 14.51
C TRP A 121 38.39 -4.49 15.08
N GLY A 122 39.44 -5.26 14.78
CA GLY A 122 40.81 -4.99 15.29
C GLY A 122 41.25 -3.53 15.25
N GLU A 123 41.16 -2.89 14.10
CA GLU A 123 41.56 -1.49 14.00
C GLU A 123 40.43 -0.53 14.35
N ASP A 124 39.20 -0.89 13.94
CA ASP A 124 38.05 -0.01 14.10
C ASP A 124 36.83 -0.83 14.54
N ASN A 125 36.45 -0.66 15.82
CA ASN A 125 35.27 -1.31 16.39
C ASN A 125 33.99 -0.96 15.64
N ASP A 126 34.00 0.18 14.94
CA ASP A 126 32.81 0.68 14.26
C ASP A 126 32.71 0.25 12.80
N THR A 127 33.41 -0.81 12.45
CA THR A 127 33.35 -1.42 11.12
C THR A 127 32.08 -2.25 11.05
N TRP A 128 31.26 -2.01 10.02
CA TRP A 128 29.98 -2.71 9.83
C TRP A 128 30.05 -3.83 8.80
N MSE A 129 29.24 -4.86 9.05
CA MSE A 129 29.01 -5.93 8.09
C MSE A 129 27.61 -5.81 7.49
O MSE A 129 26.63 -5.53 8.21
CB MSE A 129 29.16 -7.31 8.75
CG MSE A 129 30.54 -7.60 9.29
SE MSE A 129 30.39 -9.05 10.56
CE MSE A 129 30.14 -7.83 12.08
N ALA A 130 27.53 -6.07 6.18
CA ALA A 130 26.28 -6.18 5.41
C ALA A 130 25.87 -7.63 5.28
N SER A 131 24.59 -7.83 5.02
CA SER A 131 23.95 -9.11 4.76
CA SER A 131 24.16 -9.20 4.71
C SER A 131 23.78 -9.26 3.22
N PRO A 132 22.94 -10.21 2.78
CA PRO A 132 22.04 -11.21 3.39
C PRO A 132 22.58 -12.61 3.65
N TYR A 133 21.96 -13.27 4.62
CA TYR A 133 22.21 -14.69 4.88
C TYR A 133 21.60 -15.63 3.85
N ALA A 134 20.68 -15.16 3.00
CA ALA A 134 20.09 -16.02 1.97
C ALA A 134 21.21 -16.73 1.21
N PRO A 135 21.10 -18.05 1.04
CA PRO A 135 22.18 -18.85 0.45
C PRO A 135 22.20 -18.75 -1.08
N MSE A 136 22.39 -17.52 -1.56
CA MSE A 136 22.29 -17.20 -2.99
CA MSE A 136 22.26 -17.20 -2.99
C MSE A 136 23.57 -17.46 -3.77
O MSE A 136 23.63 -17.31 -4.99
CB MSE A 136 21.86 -15.73 -3.18
CB MSE A 136 21.72 -15.75 -3.17
CG MSE A 136 20.37 -15.48 -2.99
CG MSE A 136 20.23 -15.53 -2.69
SE MSE A 136 19.32 -16.93 -3.79
SE MSE A 136 19.42 -13.70 -2.69
CE MSE A 136 18.73 -17.83 -2.15
CE MSE A 136 20.24 -13.00 -1.13
N GLY A 137 24.61 -17.91 -3.08
CA GLY A 137 25.90 -18.13 -3.74
C GLY A 137 26.36 -19.57 -3.77
N VAL A 138 27.45 -19.80 -4.48
CA VAL A 138 28.06 -21.14 -4.55
C VAL A 138 29.52 -21.06 -4.09
N ALA A 139 29.84 -21.83 -3.04
CA ALA A 139 31.19 -21.92 -2.49
C ALA A 139 31.84 -23.24 -2.97
N THR A 140 32.88 -23.12 -3.80
CA THR A 140 33.64 -24.29 -4.24
C THR A 140 34.78 -24.56 -3.27
N PRO A 141 34.79 -25.74 -2.64
CA PRO A 141 35.89 -26.08 -1.71
C PRO A 141 37.21 -26.19 -2.48
N VAL A 142 38.18 -25.42 -2.04
CA VAL A 142 39.56 -25.56 -2.50
C VAL A 142 40.46 -25.69 -1.27
N ASP A 143 41.71 -26.08 -1.48
CA ASP A 143 42.65 -26.15 -0.37
C ASP A 143 42.75 -24.79 0.39
N GLY A 144 42.49 -24.83 1.70
CA GLY A 144 42.52 -23.59 2.50
C GLY A 144 41.18 -22.87 2.71
N GLY A 145 40.15 -23.27 1.98
CA GLY A 145 38.82 -22.65 2.12
C GLY A 145 37.89 -22.88 0.94
N TYR A 146 37.34 -21.79 0.41
CA TYR A 146 36.37 -21.92 -0.69
C TYR A 146 36.53 -20.81 -1.69
N VAL A 147 36.04 -21.04 -2.91
CA VAL A 147 35.92 -19.92 -3.86
C VAL A 147 34.43 -19.65 -4.10
N LEU A 148 34.07 -18.38 -4.01
CA LEU A 148 32.68 -17.95 -3.96
C LEU A 148 32.22 -17.24 -5.23
N LYS A 149 31.07 -17.63 -5.73
CA LYS A 149 30.43 -16.92 -6.82
C LYS A 149 28.91 -16.82 -6.57
N GLY A 150 28.33 -15.66 -6.82
CA GLY A 150 26.88 -15.53 -6.79
C GLY A 150 26.37 -14.10 -6.87
N ARG A 151 25.04 -13.97 -6.82
CA ARG A 151 24.36 -12.67 -6.79
C ARG A 151 23.32 -12.73 -5.66
N TRP A 152 23.42 -11.79 -4.73
CA TRP A 152 22.54 -11.71 -3.58
C TRP A 152 21.75 -10.42 -3.69
N SER A 153 20.54 -10.39 -3.15
CA SER A 153 19.77 -9.15 -3.11
C SER A 153 19.46 -8.75 -1.66
N PHE A 154 18.91 -7.55 -1.47
CA PHE A 154 18.46 -7.07 -0.16
C PHE A 154 19.65 -6.93 0.82
N SER A 155 20.77 -6.37 0.35
CA SER A 155 21.92 -6.12 1.24
C SER A 155 21.75 -4.78 1.95
N SER A 156 21.02 -4.77 3.07
CA SER A 156 20.63 -3.52 3.73
C SER A 156 21.83 -2.73 4.25
N GLY A 157 21.84 -1.41 4.03
CA GLY A 157 22.90 -0.54 4.55
C GLY A 157 24.27 -0.75 3.90
N THR A 158 24.31 -1.48 2.78
CA THR A 158 25.55 -2.00 2.20
C THR A 158 26.61 -0.95 1.84
N ASP A 159 26.18 0.23 1.38
CA ASP A 159 27.11 1.32 1.08
C ASP A 159 27.93 1.76 2.29
N HIS A 160 27.46 1.40 3.49
CA HIS A 160 28.10 1.87 4.72
C HIS A 160 28.86 0.74 5.44
N CYS A 161 28.94 -0.41 4.78
CA CYS A 161 29.57 -1.59 5.32
C CYS A 161 30.88 -1.89 4.57
N GLN A 162 31.85 -2.44 5.30
CA GLN A 162 33.17 -2.75 4.74
C GLN A 162 33.41 -4.26 4.63
N TRP A 163 32.46 -5.05 5.11
CA TRP A 163 32.50 -6.50 5.01
C TRP A 163 31.07 -6.98 4.75
N ALA A 164 30.92 -8.20 4.25
CA ALA A 164 29.60 -8.80 4.08
C ALA A 164 29.60 -10.17 4.68
N PHE A 165 28.47 -10.53 5.28
CA PHE A 165 28.20 -11.83 5.82
C PHE A 165 27.17 -12.48 4.89
N LEU A 166 27.53 -13.51 4.13
CA LEU A 166 26.62 -14.01 3.09
C LEU A 166 26.37 -15.48 3.23
N GLY A 167 25.20 -15.93 2.77
CA GLY A 167 24.93 -17.37 2.73
C GLY A 167 25.39 -17.97 1.42
N ALA A 168 25.80 -19.24 1.45
CA ALA A 168 26.19 -19.94 0.24
C ALA A 168 25.95 -21.42 0.39
N MSE A 169 25.61 -22.06 -0.71
CA MSE A 169 25.60 -23.52 -0.76
C MSE A 169 26.99 -24.01 -1.16
O MSE A 169 27.72 -23.32 -1.86
CB MSE A 169 24.57 -24.05 -1.76
CG MSE A 169 23.16 -23.50 -1.58
SE MSE A 169 22.38 -23.90 0.19
CE MSE A 169 22.22 -25.84 0.09
N VAL A 170 27.36 -25.21 -0.72
CA VAL A 170 28.67 -25.76 -1.02
C VAL A 170 28.54 -26.71 -2.20
N GLY A 171 29.35 -26.47 -3.23
CA GLY A 171 29.43 -27.39 -4.37
C GLY A 171 30.29 -28.62 -4.12
N ASP A 172 30.56 -29.36 -5.20
CA ASP A 172 31.38 -30.58 -5.13
C ASP A 172 32.86 -30.29 -5.44
N ALA A 178 34.55 -34.05 2.10
CA ALA A 178 34.10 -34.01 3.49
C ALA A 178 33.91 -32.54 4.00
N THR A 179 32.77 -31.93 3.65
CA THR A 179 32.52 -30.51 3.98
C THR A 179 31.06 -30.21 4.45
N PRO A 180 30.79 -28.98 4.99
CA PRO A 180 29.41 -28.52 5.22
C PRO A 180 28.58 -28.48 3.92
N SER A 181 27.25 -28.56 4.05
CA SER A 181 26.31 -28.37 2.96
C SER A 181 26.01 -26.86 2.65
N SER A 182 25.89 -26.05 3.71
CA SER A 182 25.65 -24.60 3.57
C SER A 182 26.58 -23.80 4.49
N LEU A 183 26.90 -22.58 4.10
CA LEU A 183 27.81 -21.74 4.89
C LEU A 183 27.26 -20.37 5.10
N HIS A 184 27.76 -19.72 6.17
CA HIS A 184 27.88 -18.28 6.24
C HIS A 184 29.34 -17.89 6.01
N VAL A 185 29.58 -16.93 5.12
CA VAL A 185 30.95 -16.57 4.72
C VAL A 185 31.19 -15.08 4.89
N ILE A 186 32.39 -14.69 5.29
CA ILE A 186 32.72 -13.27 5.46
C ILE A 186 33.68 -12.81 4.37
N LEU A 187 33.36 -11.69 3.71
CA LEU A 187 34.17 -11.12 2.61
C LEU A 187 34.41 -9.65 2.85
N PRO A 188 35.63 -9.17 2.59
CA PRO A 188 35.87 -7.74 2.61
C PRO A 188 35.25 -7.10 1.36
N ARG A 189 34.95 -5.80 1.43
CA ARG A 189 34.24 -5.09 0.35
C ARG A 189 35.05 -5.10 -0.95
N THR A 190 36.36 -5.18 -0.78
CA THR A 190 37.29 -5.33 -1.87
C THR A 190 37.02 -6.58 -2.74
N ASP A 191 36.37 -7.59 -2.14
CA ASP A 191 36.10 -8.84 -2.85
C ASP A 191 34.69 -8.99 -3.42
N TYR A 192 33.91 -7.92 -3.43
CA TYR A 192 32.59 -7.98 -4.09
C TYR A 192 32.19 -6.65 -4.71
N GLN A 193 31.08 -6.69 -5.43
CA GLN A 193 30.59 -5.55 -6.17
C GLN A 193 29.16 -5.25 -5.71
N ILE A 194 28.91 -3.98 -5.41
CA ILE A 194 27.59 -3.46 -5.08
C ILE A 194 26.96 -3.05 -6.42
N VAL A 195 25.83 -3.64 -6.77
CA VAL A 195 25.16 -3.32 -8.04
C VAL A 195 24.24 -2.10 -7.89
N GLU A 196 24.55 -1.01 -8.59
CA GLU A 196 23.74 0.20 -8.55
C GLU A 196 22.36 0.01 -9.22
N ASP A 197 21.40 0.83 -8.83
CA ASP A 197 20.03 0.80 -9.40
C ASP A 197 19.27 -0.53 -9.22
N THR A 198 19.56 -1.21 -8.14
CA THR A 198 18.91 -2.49 -7.86
C THR A 198 17.98 -2.36 -6.61
N TRP A 199 17.78 -1.15 -6.14
CA TRP A 199 16.88 -0.94 -4.99
C TRP A 199 15.86 0.18 -5.31
N ASP A 200 15.07 0.00 -6.36
CA ASP A 200 14.01 0.95 -6.67
C ASP A 200 12.67 0.31 -6.27
N VAL A 201 12.32 0.48 -4.99
CA VAL A 201 11.25 -0.28 -4.32
C VAL A 201 10.20 0.62 -3.65
N ILE A 202 9.06 0.05 -3.29
CA ILE A 202 7.97 0.86 -2.69
C ILE A 202 8.18 1.38 -1.26
N GLY A 203 9.12 0.79 -0.51
CA GLY A 203 9.31 1.10 0.91
C GLY A 203 10.71 0.73 1.37
N LEU A 204 11.11 1.22 2.55
CA LEU A 204 12.47 1.06 3.08
C LEU A 204 13.51 1.49 2.03
N ARG A 205 13.16 2.51 1.24
CA ARG A 205 13.95 2.96 0.11
C ARG A 205 15.30 3.37 0.64
N GLY A 206 15.26 4.07 1.77
CA GLY A 206 16.44 4.63 2.42
C GLY A 206 17.41 3.63 3.00
N THR A 207 17.06 2.35 3.03
CA THR A 207 17.97 1.31 3.50
C THR A 207 19.10 1.01 2.49
N GLY A 208 18.85 1.34 1.23
CA GLY A 208 19.78 1.09 0.15
C GLY A 208 20.17 -0.35 0.11
N SER A 209 19.17 -1.25 0.09
CA SER A 209 19.39 -2.68 0.14
C SER A 209 19.69 -3.27 -1.25
N LYS A 210 20.79 -2.83 -1.82
CA LYS A 210 21.23 -3.19 -3.18
C LYS A 210 21.68 -4.65 -3.31
N ASP A 211 21.74 -5.13 -4.56
CA ASP A 211 22.33 -6.41 -4.90
C ASP A 211 23.85 -6.37 -4.75
N LEU A 212 24.43 -7.52 -4.41
CA LEU A 212 25.87 -7.71 -4.41
C LEU A 212 26.21 -8.86 -5.37
N ILE A 213 27.31 -8.71 -6.10
CA ILE A 213 27.82 -9.77 -6.99
C ILE A 213 29.25 -10.18 -6.62
N VAL A 214 29.49 -11.48 -6.60
CA VAL A 214 30.84 -12.03 -6.47
C VAL A 214 31.14 -12.92 -7.69
N ASP A 215 32.25 -12.65 -8.38
CA ASP A 215 32.65 -13.40 -9.59
C ASP A 215 33.49 -14.65 -9.29
N GLY A 216 34.29 -14.60 -8.23
CA GLY A 216 35.11 -15.74 -7.79
C GLY A 216 36.14 -15.25 -6.78
N ALA A 217 35.66 -15.08 -5.54
CA ALA A 217 36.48 -14.60 -4.43
C ALA A 217 36.88 -15.77 -3.57
N PHE A 218 38.17 -15.84 -3.25
CA PHE A 218 38.64 -16.86 -2.33
C PHE A 218 38.28 -16.47 -0.90
N VAL A 219 37.67 -17.41 -0.17
CA VAL A 219 37.30 -17.21 1.23
C VAL A 219 37.99 -18.29 2.09
N PRO A 220 38.95 -17.89 2.93
CA PRO A 220 39.63 -18.82 3.85
C PRO A 220 38.66 -19.53 4.81
N GLY A 221 39.02 -20.75 5.24
CA GLY A 221 38.19 -21.55 6.16
C GLY A 221 37.79 -20.80 7.44
N TYR A 222 38.72 -20.02 7.99
CA TYR A 222 38.49 -19.31 9.25
C TYR A 222 37.48 -18.14 9.13
N ARG A 223 37.12 -17.80 7.88
CA ARG A 223 36.12 -16.76 7.59
C ARG A 223 34.76 -17.35 7.25
N THR A 224 34.54 -18.59 7.63
CA THR A 224 33.28 -19.25 7.38
C THR A 224 32.72 -19.87 8.67
N LEU A 225 31.41 -20.07 8.69
CA LEU A 225 30.75 -20.94 9.65
C LEU A 225 29.84 -21.86 8.87
N ASN A 226 29.65 -23.07 9.38
CA ASN A 226 28.69 -23.99 8.86
C ASN A 226 27.27 -23.48 9.27
N ALA A 227 26.42 -23.19 8.28
CA ALA A 227 25.08 -22.60 8.55
C ALA A 227 24.17 -23.48 9.38
N ALA A 228 24.22 -24.79 9.19
CA ALA A 228 23.41 -25.72 10.00
C ALA A 228 23.85 -25.74 11.48
N LYS A 229 25.15 -25.63 11.72
CA LYS A 229 25.68 -25.52 13.07
C LYS A 229 25.32 -24.18 13.73
N VAL A 230 25.22 -23.12 12.93
CA VAL A 230 24.80 -21.83 13.45
C VAL A 230 23.35 -21.95 13.94
N MSE A 231 22.49 -22.49 13.07
CA MSE A 231 21.06 -22.68 13.36
C MSE A 231 20.81 -23.55 14.58
O MSE A 231 20.00 -23.19 15.45
CB MSE A 231 20.33 -23.32 12.15
CG MSE A 231 18.77 -23.26 12.23
SE MSE A 231 18.09 -21.40 12.39
CE MSE A 231 18.85 -20.68 10.72
N ASP A 232 21.50 -24.69 14.66
CA ASP A 232 21.14 -25.68 15.69
C ASP A 232 21.90 -25.61 17.00
N GLY A 233 22.79 -24.65 17.12
CA GLY A 233 23.50 -24.41 18.37
C GLY A 233 24.90 -25.00 18.45
N ARG A 234 25.26 -25.89 17.51
CA ARG A 234 26.61 -26.48 17.46
C ARG A 234 27.77 -25.49 17.27
N ALA A 235 27.59 -24.41 16.50
CA ALA A 235 28.67 -23.41 16.37
C ALA A 235 28.93 -22.67 17.71
N GLN A 236 27.84 -22.39 18.43
CA GLN A 236 27.96 -21.74 19.72
C GLN A 236 28.63 -22.66 20.76
N LYS A 237 28.28 -23.95 20.75
CA LYS A 237 28.92 -24.96 21.62
C LYS A 237 30.41 -25.09 21.34
N GLU A 238 30.78 -25.14 20.05
CA GLU A 238 32.18 -25.19 19.65
C GLU A 238 32.96 -23.97 20.12
N ALA A 239 32.31 -22.81 20.17
CA ALA A 239 32.98 -21.59 20.58
C ALA A 239 33.04 -21.49 22.11
N GLY A 240 32.06 -22.12 22.79
CA GLY A 240 31.97 -22.18 24.25
C GLY A 240 32.16 -20.86 24.99
N ARG A 241 31.46 -19.81 24.55
CA ARG A 241 31.51 -18.51 25.24
C ARG A 241 30.70 -18.57 26.55
N PRO A 242 31.14 -17.82 27.58
CA PRO A 242 30.39 -17.81 28.85
C PRO A 242 29.15 -16.90 28.88
N GLU A 243 29.08 -15.91 28.00
CA GLU A 243 28.00 -14.92 28.07
C GLU A 243 26.65 -15.51 27.59
N PRO A 244 25.58 -15.40 28.43
CA PRO A 244 24.30 -15.95 27.98
C PRO A 244 23.81 -15.32 26.67
N LEU A 245 24.09 -14.04 26.45
CA LEU A 245 23.69 -13.38 25.21
C LEU A 245 24.13 -14.22 23.99
N PHE A 246 25.40 -14.61 23.99
CA PHE A 246 25.98 -15.28 22.83
C PHE A 246 25.59 -16.73 22.72
N ASN A 247 24.82 -17.22 23.70
CA ASN A 247 24.30 -18.56 23.58
C ASN A 247 22.82 -18.63 23.25
N MSE A 248 22.25 -17.47 22.90
CA MSE A 248 20.82 -17.41 22.47
C MSE A 248 20.58 -18.15 21.14
O MSE A 248 21.50 -18.28 20.34
CB MSE A 248 20.40 -15.94 22.34
CG MSE A 248 20.30 -15.20 23.69
SE MSE A 248 18.68 -15.66 24.63
CE MSE A 248 17.34 -14.79 23.41
N PRO A 249 19.35 -18.70 20.91
CA PRO A 249 19.12 -19.31 19.61
C PRO A 249 19.22 -18.31 18.46
N TYR A 250 19.86 -18.72 17.35
CA TYR A 250 19.95 -17.90 16.12
C TYR A 250 18.53 -17.53 15.60
N SER A 251 17.61 -18.48 15.63
CA SER A 251 16.26 -18.27 15.16
C SER A 251 15.46 -17.27 15.99
N CYS A 252 15.92 -17.00 17.21
CA CYS A 252 15.39 -15.90 17.96
C CYS A 252 16.11 -14.61 17.61
N MSE A 253 17.43 -14.60 17.66
CA MSE A 253 18.18 -13.34 17.58
C MSE A 253 18.16 -12.68 16.19
O MSE A 253 18.10 -11.43 16.06
CB MSE A 253 19.64 -13.54 18.04
CG MSE A 253 19.79 -13.96 19.51
SE MSE A 253 19.05 -12.59 20.72
CE MSE A 253 20.06 -11.07 20.25
N PHE A 254 18.26 -13.51 15.15
CA PHE A 254 18.37 -12.98 13.79
C PHE A 254 17.04 -12.29 13.41
N PRO A 255 15.90 -12.99 13.49
CA PRO A 255 14.63 -12.29 13.23
C PRO A 255 14.21 -11.19 14.23
N LEU A 256 14.89 -11.10 15.38
CA LEU A 256 14.45 -10.18 16.46
C LEU A 256 14.61 -8.74 16.04
N GLY A 257 15.78 -8.43 15.49
CA GLY A 257 16.05 -7.09 14.99
C GLY A 257 15.12 -6.66 13.87
N ILE A 258 14.81 -7.62 12.99
CA ILE A 258 14.02 -7.37 11.80
C ILE A 258 12.54 -7.08 12.18
N THR A 259 11.95 -7.95 12.98
CA THR A 259 10.58 -7.78 13.47
C THR A 259 10.46 -6.61 14.45
N ALA A 260 11.47 -6.39 15.30
CA ALA A 260 11.50 -5.15 16.10
C ALA A 260 11.44 -3.89 15.23
N ALA A 261 12.21 -3.86 14.14
CA ALA A 261 12.18 -2.73 13.21
C ALA A 261 10.80 -2.54 12.63
N VAL A 262 10.16 -3.62 12.17
CA VAL A 262 8.79 -3.53 11.68
C VAL A 262 7.82 -2.98 12.76
N ILE A 263 7.93 -3.50 13.98
CA ILE A 263 7.08 -3.01 15.06
C ILE A 263 7.27 -1.52 15.34
N GLY A 264 8.51 -1.06 15.47
CA GLY A 264 8.78 0.34 15.70
C GLY A 264 8.37 1.23 14.55
N ILE A 265 8.49 0.71 13.32
CA ILE A 265 7.98 1.45 12.17
C ILE A 265 6.46 1.71 12.32
N THR A 266 5.71 0.71 12.72
CA THR A 266 4.27 0.88 12.85
C THR A 266 3.93 1.80 14.00
N GLU A 267 4.79 1.82 15.02
CA GLU A 267 4.66 2.76 16.13
C GLU A 267 4.93 4.22 15.68
N GLY A 268 5.94 4.41 14.83
CA GLY A 268 6.12 5.66 14.11
C GLY A 268 4.91 6.11 13.29
N ALA A 269 4.28 5.19 12.53
CA ALA A 269 3.09 5.49 11.74
C ALA A 269 1.94 5.95 12.64
N LEU A 270 1.72 5.20 13.73
CA LEU A 270 0.71 5.51 14.73
C LEU A 270 0.97 6.89 15.32
N ALA A 271 2.22 7.16 15.72
CA ALA A 271 2.58 8.49 16.26
C ALA A 271 2.27 9.60 15.24
N CYS A 272 2.69 9.41 14.00
CA CYS A 272 2.34 10.34 12.92
C CYS A 272 0.83 10.53 12.77
N HIS A 273 0.08 9.43 12.79
CA HIS A 273 -1.35 9.47 12.63
C HIS A 273 -1.97 10.33 13.76
N ILE A 274 -1.57 10.06 15.01
CA ILE A 274 -2.11 10.77 16.17
C ILE A 274 -1.83 12.28 16.04
N ALA A 275 -0.57 12.64 15.74
CA ALA A 275 -0.18 14.03 15.55
C ALA A 275 -1.00 14.80 14.49
N VAL A 276 -1.37 14.11 13.41
CA VAL A 276 -2.23 14.70 12.40
C VAL A 276 -3.68 14.76 12.87
N GLN A 277 -4.19 13.67 13.44
CA GLN A 277 -5.60 13.58 13.82
C GLN A 277 -6.02 14.61 14.88
N LYS A 278 -5.07 15.01 15.72
CA LYS A 278 -5.37 15.94 16.79
C LYS A 278 -5.89 17.30 16.29
N ASP A 279 -5.35 17.76 15.15
CA ASP A 279 -5.81 19.02 14.54
C ASP A 279 -6.77 18.86 13.35
N ARG A 280 -6.97 17.63 12.90
CA ARG A 280 -7.70 17.40 11.65
C ARG A 280 -9.21 17.67 11.71
N VAL A 281 -9.68 18.42 10.71
CA VAL A 281 -11.11 18.66 10.51
C VAL A 281 -11.51 18.06 9.17
N ALA A 282 -12.47 17.15 9.21
CA ALA A 282 -12.71 16.29 8.04
C ALA A 282 -13.57 16.95 6.97
N ILE A 283 -13.59 16.28 5.80
CA ILE A 283 -14.30 16.71 4.58
C ILE A 283 -15.71 17.28 4.85
N THR A 284 -16.39 16.67 5.82
CA THR A 284 -17.79 16.98 6.21
C THR A 284 -18.03 18.16 7.22
N GLY A 285 -16.99 18.59 7.95
CA GLY A 285 -17.10 19.63 9.01
C GLY A 285 -16.68 19.15 10.40
N GLN A 286 -16.67 17.83 10.55
CA GLN A 286 -16.37 17.08 11.79
C GLN A 286 -14.90 17.18 12.26
N LYS A 287 -14.68 17.62 13.50
CA LYS A 287 -13.35 17.49 14.13
C LYS A 287 -13.07 16.01 14.44
N ILE A 288 -11.93 15.51 13.96
CA ILE A 288 -11.54 14.10 14.21
C ILE A 288 -11.40 13.80 15.70
N LYS A 289 -10.85 14.72 16.50
CA LYS A 289 -10.78 14.53 17.96
C LYS A 289 -12.16 14.36 18.64
N GLU A 290 -13.23 14.60 17.90
CA GLU A 290 -14.59 14.30 18.38
C GLU A 290 -15.26 13.13 17.62
N ASP A 291 -14.51 12.44 16.77
CA ASP A 291 -15.07 11.37 15.95
C ASP A 291 -14.95 9.98 16.66
N PRO A 292 -16.09 9.38 17.09
CA PRO A 292 -15.98 8.15 17.88
C PRO A 292 -15.52 6.92 17.04
N TYR A 293 -15.87 6.92 15.74
CA TYR A 293 -15.53 5.84 14.81
C TYR A 293 -14.04 5.81 14.59
N VAL A 294 -13.45 6.96 14.27
CA VAL A 294 -12.01 7.06 14.02
C VAL A 294 -11.21 6.88 15.30
N LEU A 295 -11.67 7.46 16.40
CA LEU A 295 -10.94 7.38 17.65
C LEU A 295 -10.93 5.97 18.25
N SER A 296 -12.05 5.25 18.16
CA SER A 296 -12.07 3.89 18.67
C SER A 296 -11.20 2.96 17.81
N ALA A 297 -11.15 3.23 16.50
CA ALA A 297 -10.29 2.47 15.60
C ALA A 297 -8.82 2.71 15.88
N ILE A 298 -8.45 3.93 16.25
CA ILE A 298 -7.06 4.20 16.72
C ILE A 298 -6.69 3.39 17.97
N GLY A 299 -7.61 3.33 18.94
CA GLY A 299 -7.41 2.49 20.14
C GLY A 299 -7.21 1.02 19.76
N GLU A 300 -8.04 0.50 18.86
CA GLU A 300 -7.94 -0.88 18.45
C GLU A 300 -6.57 -1.18 17.85
N SER A 301 -6.11 -0.31 16.95
CA SER A 301 -4.82 -0.51 16.30
C SER A 301 -3.65 -0.38 17.26
N ALA A 302 -3.71 0.63 18.14
CA ALA A 302 -2.68 0.78 19.19
C ALA A 302 -2.59 -0.45 20.08
N ALA A 303 -3.73 -1.10 20.37
CA ALA A 303 -3.72 -2.30 21.21
C ALA A 303 -2.98 -3.48 20.51
N GLU A 304 -3.25 -3.65 19.23
CA GLU A 304 -2.60 -4.68 18.41
C GLU A 304 -1.10 -4.48 18.29
N ILE A 305 -0.68 -3.26 18.00
CA ILE A 305 0.74 -2.93 17.89
C ILE A 305 1.44 -3.17 19.23
N ASN A 306 0.80 -2.78 20.34
CA ASN A 306 1.40 -3.08 21.67
C ASN A 306 1.51 -4.58 21.89
N ALA A 307 0.46 -5.34 21.54
CA ALA A 307 0.51 -6.78 21.68
C ALA A 307 1.71 -7.41 20.95
N SER A 308 2.10 -6.80 19.83
CA SER A 308 3.25 -7.31 19.05
C SER A 308 4.56 -7.02 19.74
N ARG A 309 4.73 -5.78 20.19
CA ARG A 309 5.92 -5.35 20.92
C ARG A 309 6.17 -6.28 22.14
N VAL A 310 5.15 -6.47 22.97
CA VAL A 310 5.31 -7.24 24.22
C VAL A 310 5.56 -8.70 23.95
N SER A 311 4.82 -9.26 22.97
CA SER A 311 4.97 -10.65 22.60
C SER A 311 6.35 -11.03 22.11
N LEU A 312 6.88 -10.22 21.20
CA LEU A 312 8.20 -10.45 20.61
C LEU A 312 9.29 -10.46 21.70
N ILE A 313 9.20 -9.45 22.55
CA ILE A 313 10.19 -9.25 23.60
C ILE A 313 10.09 -10.32 24.70
N GLU A 314 8.87 -10.78 25.00
CA GLU A 314 8.66 -11.83 26.02
C GLU A 314 9.40 -13.14 25.68
N THR A 315 9.35 -13.55 24.40
CA THR A 315 10.12 -14.71 23.96
C THR A 315 11.61 -14.61 24.33
N ALA A 316 12.22 -13.46 24.01
CA ALA A 316 13.64 -13.22 24.24
C ALA A 316 13.98 -13.19 25.75
N ASP A 317 13.12 -12.53 26.56
CA ASP A 317 13.28 -12.52 28.03
C ASP A 317 13.41 -13.91 28.60
N ARG A 318 12.47 -14.76 28.18
CA ARG A 318 12.32 -16.11 28.68
C ARG A 318 13.44 -17.01 28.19
N PHE A 319 13.81 -16.88 26.91
CA PHE A 319 14.95 -17.62 26.35
C PHE A 319 16.22 -17.22 27.11
N TYR A 320 16.41 -15.93 27.31
CA TYR A 320 17.57 -15.46 28.04
C TYR A 320 17.64 -16.07 29.44
N ASP A 321 16.49 -16.11 30.14
CA ASP A 321 16.40 -16.71 31.49
C ASP A 321 16.81 -18.17 31.52
N LYS A 322 16.28 -18.96 30.58
CA LYS A 322 16.74 -20.34 30.43
C LYS A 322 18.23 -20.48 30.14
N VAL A 323 18.76 -19.67 29.22
CA VAL A 323 20.20 -19.69 28.92
C VAL A 323 21.06 -19.27 30.13
N ASP A 324 20.66 -18.20 30.83
CA ASP A 324 21.33 -17.77 32.06
C ASP A 324 21.35 -18.87 33.12
N ALA A 325 20.26 -19.64 33.20
CA ALA A 325 20.10 -20.76 34.13
C ALA A 325 20.74 -22.09 33.67
N GLY A 326 21.36 -22.07 32.50
CA GLY A 326 21.94 -23.27 31.93
C GLY A 326 20.91 -24.32 31.53
N LYS A 327 19.67 -23.90 31.30
CA LYS A 327 18.62 -24.82 30.84
C LYS A 327 18.54 -24.79 29.32
N GLU A 328 18.33 -25.96 28.73
CA GLU A 328 18.34 -26.10 27.26
C GLU A 328 17.03 -25.57 26.66
N ILE A 329 17.14 -24.75 25.62
CA ILE A 329 15.95 -24.34 24.83
C ILE A 329 15.60 -25.40 23.77
N THR A 330 14.40 -25.97 23.87
CA THR A 330 13.99 -27.05 22.98
C THR A 330 13.56 -26.58 21.58
N PHE A 331 13.52 -27.52 20.62
CA PHE A 331 13.07 -27.26 19.26
C PHE A 331 11.65 -26.69 19.28
N GLU A 332 10.73 -27.31 20.02
CA GLU A 332 9.35 -26.82 20.20
C GLU A 332 9.29 -25.38 20.72
N GLU A 333 10.12 -25.07 21.72
CA GLU A 333 10.24 -23.73 22.22
C GLU A 333 10.71 -22.76 21.15
N ARG A 334 11.72 -23.18 20.38
CA ARG A 334 12.21 -22.35 19.29
C ARG A 334 11.15 -22.10 18.21
N ALA A 335 10.38 -23.12 17.90
CA ALA A 335 9.36 -23.13 16.85
C ALA A 335 8.24 -22.17 17.23
N ILE A 336 7.84 -22.27 18.52
CA ILE A 336 6.80 -21.42 19.08
C ILE A 336 7.27 -19.99 19.14
N GLY A 337 8.54 -19.77 19.51
CA GLY A 337 9.08 -18.43 19.46
C GLY A 337 9.10 -17.80 18.06
N ARG A 338 9.39 -18.61 17.03
CA ARG A 338 9.38 -18.12 15.65
C ARG A 338 7.95 -17.77 15.29
N ARG A 339 7.01 -18.62 15.66
CA ARG A 339 5.60 -18.39 15.39
C ARG A 339 5.13 -17.04 15.96
N THR A 340 5.48 -16.79 17.22
CA THR A 340 5.14 -15.53 17.89
C THR A 340 5.73 -14.33 17.20
N GLN A 341 6.98 -14.46 16.76
CA GLN A 341 7.70 -13.39 16.14
C GLN A 341 7.09 -13.05 14.76
N ILE A 342 6.78 -14.08 13.98
CA ILE A 342 6.15 -13.89 12.68
C ILE A 342 4.79 -13.21 12.88
N ALA A 343 3.94 -13.78 13.76
CA ALA A 343 2.62 -13.19 14.11
C ALA A 343 2.71 -11.74 14.57
N ALA A 344 3.77 -11.42 15.32
CA ALA A 344 3.97 -10.04 15.78
C ALA A 344 4.14 -9.05 14.61
N ALA A 345 4.94 -9.42 13.60
CA ALA A 345 5.08 -8.56 12.41
C ALA A 345 3.73 -8.35 11.71
N TRP A 346 3.00 -9.44 11.48
CA TRP A 346 1.77 -9.37 10.74
C TRP A 346 0.67 -8.53 11.46
N ARG A 347 0.56 -8.75 12.78
CA ARG A 347 -0.40 -8.04 13.63
C ARG A 347 -0.18 -6.53 13.55
N ALA A 348 1.07 -6.12 13.63
CA ALA A 348 1.46 -4.71 13.67
C ALA A 348 1.22 -4.07 12.32
N VAL A 349 1.59 -4.77 11.25
CA VAL A 349 1.32 -4.23 9.91
C VAL A 349 -0.17 -4.08 9.60
N ARG A 350 -0.96 -5.11 9.91
CA ARG A 350 -2.40 -5.01 9.71
C ARG A 350 -3.02 -3.82 10.48
N ALA A 351 -2.53 -3.57 11.70
CA ALA A 351 -3.00 -2.46 12.55
C ALA A 351 -2.64 -1.10 11.94
N ALA A 352 -1.43 -1.01 11.38
CA ALA A 352 -1.04 0.19 10.67
C ALA A 352 -1.92 0.39 9.44
N ASP A 353 -2.29 -0.68 8.72
CA ASP A 353 -3.22 -0.55 7.58
C ASP A 353 -4.57 0.06 8.00
N GLU A 354 -5.09 -0.37 9.16
CA GLU A 354 -6.41 0.06 9.59
C GLU A 354 -6.41 1.56 9.88
N ILE A 355 -5.33 2.10 10.44
CA ILE A 355 -5.31 3.55 10.67
C ILE A 355 -4.96 4.36 9.43
N PHE A 356 -4.14 3.79 8.54
CA PHE A 356 -3.83 4.49 7.29
C PHE A 356 -5.12 4.67 6.47
N ALA A 357 -5.96 3.65 6.44
CA ALA A 357 -7.22 3.73 5.72
C ALA A 357 -8.17 4.83 6.29
N ARG A 358 -7.92 5.31 7.51
CA ARG A 358 -8.81 6.31 8.10
C ARG A 358 -8.11 7.66 8.19
N ALA A 359 -6.93 7.77 7.56
CA ALA A 359 -6.15 8.99 7.62
C ALA A 359 -6.56 9.99 6.54
N GLY A 360 -7.31 9.55 5.53
CA GLY A 360 -7.81 10.45 4.49
C GLY A 360 -6.83 10.75 3.36
N GLY A 361 -7.25 11.60 2.43
CA GLY A 361 -6.53 11.85 1.17
C GLY A 361 -5.26 12.66 1.37
N GLY A 362 -5.25 13.58 2.35
CA GLY A 362 -4.03 14.32 2.67
C GLY A 362 -2.85 13.41 3.08
N ALA A 363 -3.13 12.29 3.72
CA ALA A 363 -2.10 11.34 4.12
C ALA A 363 -1.50 10.55 2.92
N LEU A 364 -2.05 10.74 1.72
CA LEU A 364 -1.45 10.12 0.52
C LEU A 364 -0.21 10.88 0.02
N HIS A 365 -0.04 12.12 0.45
CA HIS A 365 1.03 12.97 -0.07
C HIS A 365 2.39 12.63 0.54
N TYR A 366 3.41 12.51 -0.32
CA TYR A 366 4.82 12.29 0.10
C TYR A 366 5.39 13.33 1.07
N LYS A 367 4.89 14.56 1.01
CA LYS A 367 5.32 15.60 1.98
C LYS A 367 4.83 15.35 3.40
N THR A 368 4.03 14.30 3.63
CA THR A 368 3.58 13.94 4.99
C THR A 368 4.27 12.63 5.39
N PRO A 369 4.85 12.55 6.61
CA PRO A 369 5.65 11.38 7.00
C PRO A 369 4.93 10.05 7.20
N MSE A 370 3.63 10.05 7.57
CA MSE A 370 2.98 8.78 7.92
C MSE A 370 3.07 7.74 6.81
O MSE A 370 3.38 6.59 7.07
CB MSE A 370 1.50 8.97 8.32
CG MSE A 370 0.84 7.66 8.73
SE MSE A 370 -1.06 7.80 9.02
CE MSE A 370 -1.38 5.99 9.64
N GLN A 371 2.82 8.17 5.57
CA GLN A 371 2.83 7.27 4.41
C GLN A 371 4.17 6.55 4.23
N ARG A 372 5.27 7.18 4.68
CA ARG A 372 6.61 6.61 4.52
C ARG A 372 6.77 5.46 5.51
N PHE A 373 6.27 5.65 6.74
CA PHE A 373 6.26 4.58 7.74
C PHE A 373 5.36 3.47 7.28
N TRP A 374 4.21 3.82 6.71
CA TRP A 374 3.27 2.82 6.25
C TRP A 374 3.88 1.91 5.13
N ARG A 375 4.52 2.53 4.13
CA ARG A 375 5.19 1.77 3.04
C ARG A 375 6.38 0.97 3.60
N ASP A 376 7.15 1.59 4.49
CA ASP A 376 8.29 0.88 5.13
C ASP A 376 7.82 -0.42 5.83
N ALA A 377 6.69 -0.36 6.51
CA ALA A 377 6.22 -1.53 7.25
C ALA A 377 5.91 -2.65 6.28
N HIS A 378 5.22 -2.34 5.19
CA HIS A 378 4.96 -3.31 4.11
C HIS A 378 6.21 -3.85 3.41
N ALA A 379 7.17 -2.99 3.12
CA ALA A 379 8.48 -3.50 2.65
C ALA A 379 9.09 -4.47 3.65
N GLY A 380 9.15 -4.09 4.93
CA GLY A 380 9.66 -5.00 5.97
C GLY A 380 8.94 -6.34 6.08
N LEU A 381 7.62 -6.34 5.87
CA LEU A 381 6.83 -7.58 5.98
C LEU A 381 7.17 -8.60 4.91
N ALA A 382 7.72 -8.14 3.78
CA ALA A 382 8.10 -9.02 2.64
C ALA A 382 9.37 -9.85 2.91
N HIS A 383 10.10 -9.54 3.99
CA HIS A 383 11.29 -10.33 4.33
C HIS A 383 10.97 -11.80 4.60
N ALA A 384 11.93 -12.67 4.28
CA ALA A 384 11.76 -14.12 4.43
C ALA A 384 11.42 -14.54 5.84
N VAL A 385 11.91 -13.79 6.84
CA VAL A 385 11.61 -14.15 8.24
C VAL A 385 10.17 -13.87 8.64
N HIS A 386 9.39 -13.26 7.75
CA HIS A 386 7.97 -13.08 7.98
C HIS A 386 7.04 -14.04 7.26
N VAL A 387 7.56 -14.95 6.43
CA VAL A 387 6.70 -15.95 5.79
C VAL A 387 6.11 -16.79 6.92
N PRO A 388 4.76 -16.87 7.03
CA PRO A 388 4.11 -17.53 8.14
C PRO A 388 3.73 -19.02 8.02
N GLY A 389 3.38 -19.50 6.83
CA GLY A 389 2.68 -20.79 6.72
C GLY A 389 3.43 -21.98 7.33
N PRO A 390 4.62 -22.29 6.81
CA PRO A 390 5.41 -23.46 7.24
C PRO A 390 5.70 -23.46 8.75
N THR A 391 6.03 -22.30 9.32
CA THR A 391 6.30 -22.20 10.76
C THR A 391 5.03 -22.41 11.59
N ASN A 392 3.90 -21.86 11.13
CA ASN A 392 2.66 -22.05 11.86
C ASN A 392 2.32 -23.52 11.89
N HIS A 393 2.45 -24.15 10.71
CA HIS A 393 2.23 -25.59 10.55
C HIS A 393 3.18 -26.40 11.44
N ALA A 394 4.48 -26.09 11.38
CA ALA A 394 5.49 -26.90 12.07
C ALA A 394 5.38 -26.78 13.60
N SER A 395 5.19 -25.55 14.09
CA SER A 395 5.01 -25.32 15.52
C SER A 395 3.76 -26.01 16.03
N ALA A 396 2.65 -25.91 15.30
CA ALA A 396 1.43 -26.63 15.66
C ALA A 396 1.63 -28.16 15.67
N LEU A 397 2.40 -28.65 14.69
CA LEU A 397 2.69 -30.08 14.63
C LEU A 397 3.48 -30.54 15.88
N THR A 398 4.47 -29.76 16.32
CA THR A 398 5.21 -30.15 17.54
C THR A 398 4.27 -30.20 18.75
N GLN A 399 3.30 -29.30 18.80
CA GLN A 399 2.36 -29.25 19.92
C GLN A 399 1.43 -30.44 19.92
N LEU A 400 1.21 -31.04 18.76
CA LEU A 400 0.43 -32.26 18.67
C LEU A 400 1.28 -33.52 18.89
N GLY A 401 2.55 -33.34 19.18
CA GLY A 401 3.43 -34.47 19.41
C GLY A 401 4.22 -34.96 18.21
N GLY A 402 4.05 -34.30 17.06
CA GLY A 402 4.69 -34.70 15.82
C GLY A 402 6.07 -34.11 15.67
N GLU A 403 6.81 -34.57 14.67
CA GLU A 403 8.14 -34.01 14.39
C GLU A 403 8.22 -33.48 12.96
N PRO A 404 8.39 -32.17 12.81
CA PRO A 404 8.70 -31.55 11.55
C PRO A 404 9.93 -32.20 10.94
N GLN A 405 9.84 -32.48 9.64
CA GLN A 405 10.93 -33.15 8.90
C GLN A 405 11.50 -32.24 7.83
N GLY A 406 12.81 -32.35 7.63
CA GLY A 406 13.46 -31.75 6.48
C GLY A 406 13.34 -30.24 6.43
N MSE A 407 12.72 -29.74 5.33
CA MSE A 407 12.59 -28.29 5.13
CA MSE A 407 12.53 -28.30 5.08
C MSE A 407 11.63 -27.63 6.12
O MSE A 407 11.74 -26.42 6.39
CB MSE A 407 12.19 -27.98 3.69
CB MSE A 407 11.91 -28.08 3.70
CG MSE A 407 13.36 -27.99 2.69
CG MSE A 407 12.91 -27.95 2.56
SE MSE A 407 14.79 -26.72 3.11
SE MSE A 407 12.04 -27.80 0.82
CE MSE A 407 16.02 -27.89 4.10
CE MSE A 407 11.22 -26.03 1.04
N MSE A 408 10.72 -28.41 6.68
CA MSE A 408 9.80 -27.91 7.69
CA MSE A 408 9.80 -27.92 7.70
C MSE A 408 10.51 -27.63 9.02
O MSE A 408 9.88 -27.10 9.96
CB MSE A 408 8.63 -28.87 7.85
CB MSE A 408 8.64 -28.89 7.88
CG MSE A 408 7.60 -28.76 6.71
CG MSE A 408 7.80 -29.09 6.61
SE MSE A 408 6.06 -27.64 7.16
SE MSE A 408 6.94 -27.45 5.94
CE MSE A 408 5.60 -28.66 8.78
CE MSE A 408 8.27 -26.87 4.60
N ARG A 409 11.79 -27.95 9.12
CA ARG A 409 12.61 -27.59 10.30
C ARG A 409 13.42 -26.32 10.07
N ALA A 410 13.43 -25.80 8.86
CA ALA A 410 14.24 -24.63 8.53
C ALA A 410 13.90 -23.41 9.39
N MSE A 411 14.91 -22.58 9.67
CA MSE A 411 14.79 -21.35 10.44
C MSE A 411 14.21 -21.47 11.88
O MSE A 411 13.68 -20.49 12.41
CB MSE A 411 14.06 -20.24 9.65
CG MSE A 411 14.97 -19.33 8.83
SE MSE A 411 16.25 -18.21 9.81
CE MSE A 411 15.31 -17.87 11.45
N ILE A 412 14.35 -22.65 12.48
CA ILE A 412 13.97 -22.92 13.88
C ILE A 412 15.21 -23.42 14.67
N SER B 4 -2.68 10.48 -29.37
CA SER B 4 -4.10 10.93 -29.29
C SER B 4 -5.10 9.95 -29.94
N HIS B 5 -5.09 9.80 -31.28
CA HIS B 5 -6.13 9.01 -31.98
C HIS B 5 -6.01 7.48 -31.79
N HIS B 6 -7.01 6.89 -31.14
CA HIS B 6 -7.02 5.46 -30.89
C HIS B 6 -8.36 4.76 -31.16
N HIS B 7 -8.98 5.11 -32.28
CA HIS B 7 -10.24 4.47 -32.69
C HIS B 7 -10.01 3.43 -33.77
N HIS B 8 -8.74 3.19 -34.09
CA HIS B 8 -8.36 2.37 -35.25
C HIS B 8 -7.99 0.91 -34.95
N HIS B 9 -7.94 0.52 -33.67
CA HIS B 9 -7.46 -0.82 -33.31
C HIS B 9 -8.48 -1.87 -33.65
N HIS B 10 -8.00 -3.07 -33.96
CA HIS B 10 -8.86 -4.15 -34.42
C HIS B 10 -8.49 -5.44 -33.70
N SER B 11 -9.43 -6.36 -33.60
CA SER B 11 -9.07 -7.71 -33.22
C SER B 11 -9.00 -8.56 -34.48
N SER B 12 -7.95 -9.38 -34.55
CA SER B 12 -7.75 -10.25 -35.70
C SER B 12 -8.25 -11.67 -35.41
N GLY B 13 -8.72 -12.30 -36.47
CA GLY B 13 -9.18 -13.69 -36.44
C GLY B 13 -9.29 -14.10 -37.91
N ARG B 14 -10.54 -14.25 -38.38
CA ARG B 14 -10.85 -14.37 -39.81
C ARG B 14 -10.78 -12.99 -40.52
N GLU B 15 -11.90 -12.25 -40.49
CA GLU B 15 -11.94 -10.84 -40.90
C GLU B 15 -11.60 -10.01 -39.67
N ASN B 16 -10.83 -8.93 -39.86
CA ASN B 16 -10.57 -8.00 -38.78
C ASN B 16 -11.88 -7.37 -38.28
N LEU B 17 -12.00 -7.27 -36.97
CA LEU B 17 -13.15 -6.63 -36.33
C LEU B 17 -12.71 -5.31 -35.70
N TYR B 18 -13.39 -4.23 -36.10
CA TYR B 18 -13.06 -2.88 -35.68
C TYR B 18 -14.01 -2.40 -34.60
N PHE B 19 -13.75 -1.22 -34.05
CA PHE B 19 -14.58 -0.69 -32.94
C PHE B 19 -16.06 -0.63 -33.30
N GLN B 20 -16.36 -0.21 -34.56
CA GLN B 20 -17.74 -0.10 -35.03
C GLN B 20 -18.49 -1.43 -34.91
N GLY B 21 -17.82 -2.54 -35.20
CA GLY B 21 -18.45 -3.86 -35.17
C GLY B 21 -18.53 -4.51 -33.79
N MSE B 22 -17.90 -3.91 -32.79
CA MSE B 22 -17.92 -4.49 -31.44
C MSE B 22 -19.15 -4.14 -30.59
O MSE B 22 -19.52 -2.96 -30.48
CB MSE B 22 -16.62 -4.20 -30.71
CG MSE B 22 -15.47 -5.04 -31.25
SE MSE B 22 -13.82 -4.43 -30.51
CE MSE B 22 -12.62 -4.47 -32.06
N GLY B 23 -19.75 -5.17 -29.99
CA GLY B 23 -20.98 -5.05 -29.20
C GLY B 23 -20.91 -4.06 -28.04
N ARG B 24 -19.86 -4.17 -27.22
CA ARG B 24 -19.79 -3.38 -26.00
C ARG B 24 -18.50 -2.62 -25.91
N VAL B 25 -18.52 -1.51 -25.18
CA VAL B 25 -17.32 -0.75 -24.88
C VAL B 25 -16.24 -1.66 -24.27
N LEU B 26 -16.61 -2.58 -23.39
CA LEU B 26 -15.60 -3.46 -22.78
C LEU B 26 -14.92 -4.43 -23.81
N ASP B 27 -15.64 -4.81 -24.87
CA ASP B 27 -15.02 -5.53 -25.98
C ASP B 27 -13.89 -4.71 -26.57
N ARG B 28 -14.12 -3.41 -26.75
CA ARG B 28 -13.10 -2.53 -27.34
C ARG B 28 -11.93 -2.36 -26.40
N ILE B 29 -12.24 -2.18 -25.10
CA ILE B 29 -11.21 -2.10 -24.06
C ILE B 29 -10.30 -3.35 -24.14
N GLU B 30 -10.92 -4.51 -24.23
CA GLU B 30 -10.16 -5.75 -24.27
C GLU B 30 -9.22 -5.84 -25.48
N VAL B 31 -9.67 -5.31 -26.62
CA VAL B 31 -8.81 -5.21 -27.81
C VAL B 31 -7.58 -4.34 -27.62
N VAL B 32 -7.70 -3.29 -26.81
CA VAL B 32 -6.56 -2.41 -26.60
C VAL B 32 -5.96 -2.60 -25.22
N ALA B 33 -6.14 -3.79 -24.64
CA ALA B 33 -5.66 -4.06 -23.27
C ALA B 33 -4.17 -3.82 -23.18
N GLU B 34 -3.42 -4.25 -24.20
CA GLU B 34 -1.97 -4.09 -24.13
C GLU B 34 -1.52 -2.62 -24.31
N GLU B 35 -2.24 -1.87 -25.14
CA GLU B 35 -2.00 -0.45 -25.29
C GLU B 35 -2.26 0.30 -23.95
N ILE B 36 -3.37 -0.03 -23.30
CA ILE B 36 -3.69 0.58 -22.01
C ILE B 36 -2.58 0.30 -20.96
N ARG B 37 -2.19 -0.99 -20.82
CA ARG B 37 -1.10 -1.38 -19.91
C ARG B 37 0.19 -0.67 -20.26
N GLY B 38 0.46 -0.54 -21.55
CA GLY B 38 1.69 0.09 -22.00
C GLY B 38 1.87 1.54 -21.63
N GLN B 39 0.79 2.26 -21.30
CA GLN B 39 0.91 3.68 -20.95
C GLN B 39 1.02 3.90 -19.44
N ALA B 40 0.68 2.88 -18.65
CA ALA B 40 0.48 3.02 -17.21
C ALA B 40 1.68 3.59 -16.48
N VAL B 41 2.88 3.12 -16.84
CA VAL B 41 4.09 3.56 -16.13
C VAL B 41 4.39 5.05 -16.37
N GLN B 42 4.24 5.48 -17.62
CA GLN B 42 4.44 6.88 -17.97
C GLN B 42 3.38 7.81 -17.38
N SER B 43 2.10 7.39 -17.41
CA SER B 43 1.05 8.17 -16.73
C SER B 43 1.40 8.37 -15.26
N GLU B 44 1.91 7.31 -14.62
CA GLU B 44 2.31 7.39 -13.21
C GLU B 44 3.47 8.35 -12.98
N ALA B 45 4.51 8.23 -13.82
CA ALA B 45 5.67 9.09 -13.77
C ALA B 45 5.29 10.56 -13.98
N ASP B 46 4.32 10.80 -14.86
CA ASP B 46 3.93 12.17 -15.18
C ASP B 46 2.93 12.73 -14.20
N CYS B 47 2.33 11.89 -13.35
CA CYS B 47 1.21 12.30 -12.50
C CYS B 47 0.03 12.88 -13.30
N ARG B 48 -0.22 12.23 -14.44
CA ARG B 48 -1.19 12.69 -15.42
CA ARG B 48 -1.10 12.75 -15.47
C ARG B 48 -1.28 11.60 -16.47
N LEU B 49 -2.51 11.26 -16.85
CA LEU B 49 -2.69 10.29 -17.93
C LEU B 49 -1.97 10.82 -19.18
N THR B 50 -1.19 9.98 -19.85
CA THR B 50 -0.58 10.40 -21.11
C THR B 50 -1.70 10.68 -22.13
N ASP B 51 -1.37 11.38 -23.21
CA ASP B 51 -2.35 11.67 -24.25
C ASP B 51 -2.86 10.41 -24.88
N ALA B 52 -1.97 9.44 -25.06
CA ALA B 52 -2.35 8.14 -25.58
C ALA B 52 -3.27 7.43 -24.59
N ALA B 53 -2.92 7.45 -23.30
CA ALA B 53 -3.78 6.89 -22.24
C ALA B 53 -5.18 7.50 -22.26
N ALA B 54 -5.26 8.84 -22.28
CA ALA B 54 -6.57 9.50 -22.33
C ALA B 54 -7.35 9.22 -23.63
N GLY B 55 -6.63 9.22 -24.76
CA GLY B 55 -7.22 8.93 -26.07
C GLY B 55 -7.74 7.53 -26.19
N LEU B 56 -7.05 6.56 -25.58
CA LEU B 56 -7.57 5.16 -25.58
C LEU B 56 -8.90 5.06 -24.86
N LEU B 57 -8.99 5.75 -23.72
CA LEU B 57 -10.24 5.83 -22.99
C LEU B 57 -11.32 6.54 -23.79
N ARG B 58 -10.98 7.72 -24.29
CA ARG B 58 -11.92 8.50 -25.10
C ARG B 58 -12.44 7.69 -26.27
N ASP B 59 -11.54 7.09 -27.05
CA ASP B 59 -11.97 6.45 -28.31
C ASP B 59 -12.67 5.11 -28.15
N SER B 60 -12.47 4.44 -27.01
CA SER B 60 -13.24 3.23 -26.68
C SER B 60 -14.68 3.56 -26.42
N GLY B 61 -14.95 4.81 -26.04
CA GLY B 61 -16.32 5.18 -25.67
C GLY B 61 -16.62 5.02 -24.18
N ALA B 62 -15.59 4.75 -23.39
CA ALA B 62 -15.78 4.47 -21.92
C ALA B 62 -16.47 5.63 -21.17
N ILE B 63 -16.17 6.88 -21.55
CA ILE B 63 -16.70 8.06 -20.84
C ILE B 63 -18.12 8.40 -21.32
N ARG B 64 -18.52 7.79 -22.43
CA ARG B 64 -19.84 8.01 -23.01
C ARG B 64 -20.88 6.98 -22.53
N LEU B 65 -20.48 6.04 -21.66
CA LEU B 65 -21.38 4.95 -21.20
C LEU B 65 -22.74 5.42 -20.64
N LEU B 66 -22.69 6.45 -19.79
CA LEU B 66 -23.87 6.94 -19.06
C LEU B 66 -24.39 8.24 -19.67
N GLN B 67 -23.81 8.63 -20.78
CA GLN B 67 -24.12 9.86 -21.49
C GLN B 67 -25.41 9.69 -22.31
N PRO B 68 -26.24 10.75 -22.40
CA PRO B 68 -27.47 10.63 -23.22
C PRO B 68 -27.16 10.38 -24.69
N ARG B 69 -27.97 9.51 -25.28
CA ARG B 69 -27.87 9.10 -26.68
C ARG B 69 -27.91 10.30 -27.65
N LEU B 70 -28.71 11.31 -27.34
CA LEU B 70 -28.71 12.56 -28.14
C LEU B 70 -27.30 13.13 -28.30
N TYR B 71 -26.52 13.06 -27.24
CA TYR B 71 -25.16 13.55 -27.29
C TYR B 71 -24.11 12.45 -27.47
N GLY B 72 -24.46 11.41 -28.23
CA GLY B 72 -23.48 10.40 -28.63
C GLY B 72 -23.21 9.32 -27.58
N GLY B 73 -23.99 9.35 -26.50
CA GLY B 73 -23.81 8.42 -25.39
C GLY B 73 -24.53 7.10 -25.54
N TYR B 74 -24.14 6.14 -24.68
CA TYR B 74 -24.72 4.81 -24.79
C TYR B 74 -25.83 4.53 -23.80
N GLU B 75 -26.01 5.40 -22.80
CA GLU B 75 -27.05 5.19 -21.77
C GLU B 75 -27.12 3.73 -21.28
N VAL B 76 -25.99 3.14 -20.89
CA VAL B 76 -26.00 1.72 -20.48
C VAL B 76 -26.62 1.50 -19.10
N HIS B 77 -27.13 0.29 -18.88
CA HIS B 77 -27.55 -0.14 -17.56
C HIS B 77 -26.38 0.03 -16.56
N PRO B 78 -26.67 0.44 -15.31
CA PRO B 78 -25.62 0.56 -14.27
C PRO B 78 -24.66 -0.65 -14.14
N ARG B 79 -25.14 -1.88 -14.30
CA ARG B 79 -24.27 -3.06 -14.27
C ARG B 79 -23.16 -2.96 -15.31
N GLU B 80 -23.52 -2.72 -16.57
CA GLU B 80 -22.50 -2.60 -17.62
C GLU B 80 -21.47 -1.52 -17.31
N PHE B 81 -21.93 -0.41 -16.75
CA PHE B 81 -21.03 0.68 -16.42
C PHE B 81 -20.03 0.20 -15.35
N ALA B 82 -20.54 -0.37 -14.27
CA ALA B 82 -19.64 -0.81 -13.16
C ALA B 82 -18.69 -1.90 -13.67
N GLU B 83 -19.19 -2.86 -14.47
CA GLU B 83 -18.34 -3.94 -15.01
C GLU B 83 -17.26 -3.40 -15.93
N THR B 84 -17.59 -2.38 -16.73
CA THR B 84 -16.61 -1.77 -17.62
C THR B 84 -15.55 -0.97 -16.86
N VAL B 85 -15.98 -0.17 -15.88
CA VAL B 85 -15.02 0.47 -14.97
C VAL B 85 -14.05 -0.57 -14.33
N MSE B 86 -14.60 -1.66 -13.79
CA MSE B 86 -13.77 -2.73 -13.20
C MSE B 86 -12.76 -3.30 -14.20
O MSE B 86 -11.58 -3.46 -13.89
CB MSE B 86 -14.65 -3.87 -12.66
CG MSE B 86 -15.31 -3.59 -11.33
SE MSE B 86 -16.61 -4.91 -10.87
CE MSE B 86 -17.77 -3.89 -9.64
N GLY B 87 -13.24 -3.55 -15.42
CA GLY B 87 -12.41 -4.10 -16.51
C GLY B 87 -11.29 -3.16 -16.86
N VAL B 88 -11.58 -1.85 -16.91
CA VAL B 88 -10.54 -0.89 -17.26
C VAL B 88 -9.54 -0.77 -16.10
N ALA B 89 -10.07 -0.72 -14.88
CA ALA B 89 -9.28 -0.58 -13.65
C ALA B 89 -8.27 -1.73 -13.45
N ALA B 90 -8.65 -2.94 -13.90
CA ALA B 90 -7.75 -4.11 -13.84
C ALA B 90 -6.60 -4.01 -14.82
N LEU B 91 -6.75 -3.17 -15.83
CA LEU B 91 -5.64 -2.89 -16.77
C LEU B 91 -4.72 -1.75 -16.32
N ASP B 92 -5.29 -0.69 -15.77
CA ASP B 92 -4.53 0.44 -15.29
C ASP B 92 -5.43 1.13 -14.27
N GLY B 93 -4.99 1.16 -13.01
CA GLY B 93 -5.76 1.78 -11.93
C GLY B 93 -6.14 3.23 -12.25
N ALA B 94 -5.19 4.04 -12.73
CA ALA B 94 -5.47 5.47 -12.98
C ALA B 94 -6.60 5.65 -14.02
N SER B 95 -6.50 4.91 -15.12
CA SER B 95 -7.49 4.89 -16.20
C SER B 95 -8.84 4.45 -15.70
N GLY B 96 -8.87 3.38 -14.91
CA GLY B 96 -10.12 2.89 -14.34
C GLY B 96 -10.76 3.89 -13.39
N TRP B 97 -9.93 4.54 -12.57
CA TRP B 97 -10.39 5.56 -11.61
C TRP B 97 -10.98 6.77 -12.37
N VAL B 98 -10.24 7.26 -13.36
CA VAL B 98 -10.71 8.34 -14.22
C VAL B 98 -12.02 7.93 -14.87
N THR B 99 -12.10 6.70 -15.38
CA THR B 99 -13.35 6.22 -15.96
C THR B 99 -14.52 6.24 -14.99
N GLY B 100 -14.27 5.81 -13.74
CA GLY B 100 -15.34 5.71 -12.76
C GLY B 100 -15.78 7.07 -12.27
N ILE B 101 -14.92 8.07 -12.38
CA ILE B 101 -15.22 9.43 -11.89
C ILE B 101 -15.75 10.38 -13.00
N VAL B 102 -14.91 10.59 -14.01
CA VAL B 102 -15.22 11.43 -15.15
C VAL B 102 -16.38 10.83 -15.94
N GLY B 103 -16.48 9.50 -15.91
CA GLY B 103 -17.54 8.74 -16.59
C GLY B 103 -18.90 8.83 -15.92
N VAL B 104 -18.92 9.30 -14.68
CA VAL B 104 -20.15 9.57 -13.96
C VAL B 104 -20.74 11.01 -14.15
N HIS B 105 -19.91 11.95 -14.55
CA HIS B 105 -20.41 13.32 -14.73
C HIS B 105 -21.50 13.46 -15.81
N PRO B 106 -21.38 12.71 -16.94
CA PRO B 106 -22.47 12.72 -17.96
C PRO B 106 -23.81 12.24 -17.45
N TRP B 107 -23.80 11.36 -16.44
CA TRP B 107 -25.03 10.88 -15.83
C TRP B 107 -25.79 12.00 -15.09
N GLU B 108 -25.06 12.80 -14.31
CA GLU B 108 -25.73 13.91 -13.64
C GLU B 108 -26.03 15.05 -14.63
N LEU B 109 -25.14 15.30 -15.58
CA LEU B 109 -25.37 16.40 -16.53
C LEU B 109 -26.66 16.18 -17.32
N ALA B 110 -27.03 14.90 -17.51
CA ALA B 110 -28.27 14.52 -18.18
C ALA B 110 -29.54 15.11 -17.59
N PHE B 111 -29.55 15.43 -16.29
CA PHE B 111 -30.67 16.16 -15.67
C PHE B 111 -30.33 17.57 -15.21
N ALA B 112 -29.20 18.09 -15.71
CA ALA B 112 -28.92 19.50 -15.62
C ALA B 112 -29.73 20.24 -16.73
N ASP B 113 -29.72 21.57 -16.69
CA ASP B 113 -30.44 22.38 -17.70
C ASP B 113 -29.94 22.02 -19.10
N PRO B 114 -30.88 21.79 -20.04
CA PRO B 114 -30.58 21.45 -21.43
C PRO B 114 -29.56 22.37 -22.08
N GLN B 115 -29.57 23.66 -21.68
CA GLN B 115 -28.64 24.64 -22.25
C GLN B 115 -27.20 24.27 -21.94
N VAL B 116 -26.92 23.83 -20.71
CA VAL B 116 -25.53 23.49 -20.36
C VAL B 116 -25.10 22.14 -20.99
N GLN B 117 -26.06 21.25 -21.21
CA GLN B 117 -25.75 19.98 -21.91
C GLN B 117 -25.25 20.28 -23.33
N GLU B 118 -25.94 21.23 -23.97
CA GLU B 118 -25.59 21.71 -25.31
C GLU B 118 -24.24 22.41 -25.29
N GLU B 119 -23.96 23.21 -24.27
CA GLU B 119 -22.67 23.89 -24.17
C GLU B 119 -21.50 22.93 -24.06
N ILE B 120 -21.70 21.85 -23.31
CA ILE B 120 -20.62 20.95 -23.03
C ILE B 120 -20.42 19.95 -24.18
N TRP B 121 -21.51 19.41 -24.71
CA TRP B 121 -21.43 18.28 -25.67
C TRP B 121 -21.85 18.59 -27.14
N GLY B 122 -22.50 19.75 -27.34
CA GLY B 122 -23.06 20.12 -28.63
C GLY B 122 -22.07 20.01 -29.76
N GLU B 123 -20.92 20.66 -29.60
CA GLU B 123 -19.88 20.71 -30.63
C GLU B 123 -18.95 19.49 -30.62
N ASP B 124 -18.61 18.99 -29.42
CA ASP B 124 -17.75 17.84 -29.25
C ASP B 124 -18.30 16.93 -28.13
N ASN B 125 -18.97 15.84 -28.53
CA ASN B 125 -19.49 14.83 -27.63
C ASN B 125 -18.43 14.23 -26.68
N ASP B 126 -17.16 14.33 -27.03
CA ASP B 126 -16.07 13.75 -26.24
C ASP B 126 -15.44 14.77 -25.31
N THR B 127 -16.17 15.84 -25.04
CA THR B 127 -15.77 16.81 -24.03
C THR B 127 -15.96 16.18 -22.64
N TRP B 128 -14.95 16.30 -21.77
CA TRP B 128 -14.96 15.74 -20.40
C TRP B 128 -15.10 16.80 -19.29
N MSE B 129 -15.79 16.41 -18.21
CA MSE B 129 -15.89 17.20 -16.98
C MSE B 129 -15.12 16.58 -15.83
O MSE B 129 -15.22 15.37 -15.58
CB MSE B 129 -17.35 17.31 -16.52
CG MSE B 129 -18.31 17.98 -17.47
SE MSE B 129 -20.14 17.53 -17.08
CE MSE B 129 -20.18 15.93 -18.16
N ALA B 130 -14.40 17.42 -15.10
CA ALA B 130 -13.74 17.04 -13.86
C ALA B 130 -14.68 17.34 -12.68
N SER B 131 -14.27 16.94 -11.48
CA SER B 131 -14.96 17.31 -10.25
C SER B 131 -13.91 17.95 -9.32
N PRO B 132 -14.03 17.82 -7.98
CA PRO B 132 -14.88 17.04 -7.07
C PRO B 132 -16.19 17.71 -6.68
N TYR B 133 -17.11 16.91 -6.16
CA TYR B 133 -18.40 17.39 -5.68
C TYR B 133 -18.30 17.98 -4.27
N ALA B 134 -17.15 17.79 -3.66
CA ALA B 134 -16.87 18.28 -2.31
C ALA B 134 -17.02 19.80 -2.27
N PRO B 135 -17.90 20.30 -1.38
CA PRO B 135 -18.30 21.71 -1.30
C PRO B 135 -17.21 22.63 -0.74
N MSE B 136 -16.04 22.62 -1.37
CA MSE B 136 -14.88 23.33 -0.87
C MSE B 136 -14.84 24.81 -1.23
O MSE B 136 -13.80 25.47 -1.04
CB MSE B 136 -13.59 22.61 -1.30
CG MSE B 136 -13.28 21.35 -0.47
SE MSE B 136 -11.85 20.20 -1.23
CE MSE B 136 -12.84 19.43 -2.69
N GLY B 137 -15.94 25.36 -1.73
CA GLY B 137 -16.01 26.75 -2.16
C GLY B 137 -17.28 27.47 -1.74
N VAL B 138 -17.30 28.79 -1.99
CA VAL B 138 -18.45 29.62 -1.66
C VAL B 138 -19.02 30.26 -2.93
N ALA B 139 -20.34 30.13 -3.09
CA ALA B 139 -21.12 30.76 -4.15
C ALA B 139 -22.00 31.91 -3.60
N THR B 140 -21.76 33.12 -4.09
CA THR B 140 -22.50 34.29 -3.61
C THR B 140 -23.61 34.69 -4.60
N PRO B 141 -24.88 34.66 -4.16
CA PRO B 141 -25.98 35.06 -5.03
C PRO B 141 -25.83 36.48 -5.58
N VAL B 142 -25.85 36.62 -6.91
CA VAL B 142 -25.85 37.91 -7.61
C VAL B 142 -26.98 37.82 -8.64
N ASP B 143 -27.20 38.89 -9.40
CA ASP B 143 -28.23 38.85 -10.43
C ASP B 143 -27.89 37.80 -11.52
N GLY B 144 -28.83 36.89 -11.74
CA GLY B 144 -28.70 35.85 -12.76
C GLY B 144 -27.80 34.67 -12.38
N GLY B 145 -27.37 34.58 -11.13
CA GLY B 145 -26.56 33.45 -10.71
C GLY B 145 -25.75 33.67 -9.45
N TYR B 146 -24.47 33.30 -9.53
CA TYR B 146 -23.60 33.27 -8.36
C TYR B 146 -22.22 33.69 -8.78
N VAL B 147 -21.46 34.27 -7.86
CA VAL B 147 -20.03 34.48 -8.05
C VAL B 147 -19.32 33.44 -7.16
N LEU B 148 -18.33 32.74 -7.70
CA LEU B 148 -17.77 31.56 -7.02
C LEU B 148 -16.32 31.74 -6.64
N LYS B 149 -15.99 31.40 -5.41
CA LYS B 149 -14.62 31.48 -4.94
C LYS B 149 -14.30 30.22 -4.12
N GLY B 150 -13.11 29.67 -4.30
CA GLY B 150 -12.75 28.47 -3.56
C GLY B 150 -11.49 27.79 -4.07
N ARG B 151 -11.08 26.76 -3.34
CA ARG B 151 -10.01 25.85 -3.76
C ARG B 151 -10.46 24.43 -3.47
N TRP B 152 -10.47 23.62 -4.51
CA TRP B 152 -10.90 22.23 -4.44
C TRP B 152 -9.67 21.32 -4.56
N SER B 153 -9.76 20.11 -4.04
CA SER B 153 -8.69 19.12 -4.15
C SER B 153 -9.23 17.81 -4.76
N PHE B 154 -8.32 16.92 -5.17
CA PHE B 154 -8.70 15.60 -5.69
C PHE B 154 -9.56 15.75 -6.99
N SER B 155 -9.12 16.62 -7.89
CA SER B 155 -9.81 16.80 -9.17
C SER B 155 -9.32 15.78 -10.23
N SER B 156 -9.89 14.58 -10.20
CA SER B 156 -9.37 13.46 -11.01
C SER B 156 -9.53 13.67 -12.51
N GLY B 157 -8.43 13.49 -13.24
CA GLY B 157 -8.44 13.57 -14.69
C GLY B 157 -8.42 14.98 -15.24
N THR B 158 -8.17 15.96 -14.37
CA THR B 158 -8.45 17.36 -14.63
C THR B 158 -7.77 17.95 -15.87
N ASP B 159 -6.55 17.47 -16.17
CA ASP B 159 -5.76 17.98 -17.28
C ASP B 159 -6.45 17.73 -18.61
N HIS B 160 -7.31 16.71 -18.63
CA HIS B 160 -7.96 16.23 -19.83
C HIS B 160 -9.42 16.64 -19.88
N CYS B 161 -9.83 17.51 -18.96
CA CYS B 161 -11.22 17.96 -18.85
C CYS B 161 -11.32 19.46 -19.21
N GLN B 162 -12.38 19.86 -19.87
CA GLN B 162 -12.57 21.24 -20.29
C GLN B 162 -13.65 21.94 -19.46
N TRP B 163 -14.32 21.17 -18.61
CA TRP B 163 -15.26 21.72 -17.64
C TRP B 163 -15.08 20.99 -16.30
N ALA B 164 -15.53 21.63 -15.22
CA ALA B 164 -15.58 21.03 -13.88
C ALA B 164 -16.99 21.16 -13.30
N PHE B 165 -17.41 20.11 -12.59
CA PHE B 165 -18.64 20.03 -11.88
C PHE B 165 -18.13 20.17 -10.43
N LEU B 166 -18.53 21.22 -9.71
CA LEU B 166 -17.97 21.47 -8.36
C LEU B 166 -19.07 21.70 -7.32
N GLY B 167 -18.81 21.24 -6.09
CA GLY B 167 -19.72 21.46 -4.99
C GLY B 167 -19.39 22.82 -4.40
N ALA B 168 -20.39 23.50 -3.87
CA ALA B 168 -20.19 24.80 -3.24
C ALA B 168 -21.35 25.12 -2.32
N MSE B 169 -21.05 25.74 -1.19
CA MSE B 169 -22.08 26.28 -0.28
C MSE B 169 -22.45 27.66 -0.79
O MSE B 169 -21.59 28.41 -1.26
CB MSE B 169 -21.56 26.41 1.16
CG MSE B 169 -20.89 25.19 1.77
SE MSE B 169 -21.98 23.55 1.80
CE MSE B 169 -23.59 24.19 2.75
N VAL B 170 -23.73 28.01 -0.69
CA VAL B 170 -24.14 29.37 -1.03
C VAL B 170 -24.11 30.25 0.22
N GLY B 171 -23.22 31.24 0.22
CA GLY B 171 -23.00 32.11 1.38
C GLY B 171 -22.58 31.36 2.64
N ASP B 172 -23.37 31.55 3.70
CA ASP B 172 -23.17 30.94 5.03
C ASP B 172 -23.66 29.48 5.05
N GLY B 173 -24.32 29.06 3.97
CA GLY B 173 -24.68 27.66 3.77
C GLY B 173 -25.92 27.12 4.45
N GLU B 174 -26.83 28.01 4.82
CA GLU B 174 -28.12 27.58 5.35
C GLU B 174 -29.28 28.06 4.48
N GLY B 175 -30.50 27.95 5.01
CA GLY B 175 -31.71 28.09 4.23
C GLY B 175 -32.04 29.46 3.65
N GLY B 176 -33.32 29.60 3.28
CA GLY B 176 -33.79 30.72 2.50
C GLY B 176 -34.88 30.19 1.59
N ILE B 177 -35.97 30.95 1.49
CA ILE B 177 -37.17 30.55 0.77
C ILE B 177 -36.89 30.09 -0.68
N ALA B 178 -36.05 30.82 -1.40
CA ALA B 178 -35.71 30.44 -2.77
C ALA B 178 -34.25 30.03 -2.99
N THR B 179 -33.37 30.40 -2.06
CA THR B 179 -31.94 30.04 -2.18
C THR B 179 -31.61 28.69 -1.52
N PRO B 180 -30.95 27.77 -2.28
CA PRO B 180 -30.38 26.52 -1.75
C PRO B 180 -29.32 26.75 -0.68
N SER B 181 -29.07 25.75 0.16
CA SER B 181 -27.94 25.80 1.09
C SER B 181 -26.65 25.44 0.37
N SER B 182 -26.77 24.58 -0.65
CA SER B 182 -25.62 24.00 -1.34
C SER B 182 -25.88 23.76 -2.83
N LEU B 183 -24.85 23.92 -3.65
CA LEU B 183 -24.98 23.77 -5.10
C LEU B 183 -24.03 22.76 -5.70
N HIS B 184 -24.42 22.17 -6.83
CA HIS B 184 -23.45 21.69 -7.81
C HIS B 184 -23.35 22.74 -8.92
N VAL B 185 -22.14 23.20 -9.21
CA VAL B 185 -21.94 24.24 -10.23
C VAL B 185 -21.10 23.68 -11.38
N ILE B 186 -21.30 24.25 -12.56
CA ILE B 186 -20.63 23.83 -13.77
C ILE B 186 -19.84 25.01 -14.35
N LEU B 187 -18.54 24.86 -14.56
CA LEU B 187 -17.72 25.94 -15.12
C LEU B 187 -16.77 25.46 -16.18
N PRO B 188 -16.49 26.31 -17.19
CA PRO B 188 -15.46 26.01 -18.15
C PRO B 188 -14.08 26.24 -17.57
N ARG B 189 -13.13 25.49 -18.11
CA ARG B 189 -11.73 25.48 -17.72
C ARG B 189 -11.12 26.88 -17.67
N THR B 190 -11.64 27.73 -18.53
CA THR B 190 -11.24 29.11 -18.68
C THR B 190 -11.41 29.90 -17.34
N ASP B 191 -12.36 29.46 -16.52
CA ASP B 191 -12.73 30.14 -15.29
C ASP B 191 -12.08 29.59 -14.03
N TYR B 192 -11.11 28.69 -14.17
CA TYR B 192 -10.43 28.12 -13.00
C TYR B 192 -8.97 27.81 -13.29
N GLN B 193 -8.19 27.60 -12.24
CA GLN B 193 -6.78 27.26 -12.39
C GLN B 193 -6.53 25.85 -11.88
N ILE B 194 -5.85 25.05 -12.68
CA ILE B 194 -5.31 23.77 -12.20
C ILE B 194 -3.97 24.09 -11.56
N VAL B 195 -3.78 23.70 -10.31
CA VAL B 195 -2.55 23.99 -9.59
C VAL B 195 -1.58 22.84 -9.75
N GLU B 196 -0.40 23.12 -10.30
CA GLU B 196 0.60 22.09 -10.49
CA GLU B 196 0.64 22.10 -10.49
C GLU B 196 1.32 21.76 -9.18
N ASP B 197 1.89 20.55 -9.12
CA ASP B 197 2.55 20.03 -7.94
C ASP B 197 1.64 19.92 -6.72
N THR B 198 0.39 19.56 -6.96
CA THR B 198 -0.55 19.29 -5.88
C THR B 198 -1.00 17.83 -5.81
N TRP B 199 -0.32 16.96 -6.56
CA TRP B 199 -0.65 15.54 -6.60
C TRP B 199 0.57 14.65 -6.62
N ASP B 200 1.50 14.86 -5.71
CA ASP B 200 2.61 13.96 -5.57
C ASP B 200 2.29 12.99 -4.42
N VAL B 201 1.65 11.88 -4.81
CA VAL B 201 1.03 10.96 -3.85
C VAL B 201 1.54 9.53 -4.05
N ILE B 202 1.21 8.63 -3.13
CA ILE B 202 1.74 7.26 -3.14
C ILE B 202 1.04 6.30 -4.10
N GLY B 203 -0.17 6.62 -4.51
CA GLY B 203 -0.88 5.77 -5.46
C GLY B 203 -1.87 6.60 -6.26
N LEU B 204 -2.46 6.00 -7.30
CA LEU B 204 -3.31 6.73 -8.25
C LEU B 204 -2.64 8.00 -8.80
N ARG B 205 -1.32 7.96 -8.87
CA ARG B 205 -0.51 9.07 -9.39
C ARG B 205 -0.94 9.51 -10.80
N GLY B 206 -1.15 8.54 -11.68
CA GLY B 206 -1.63 8.80 -13.05
C GLY B 206 -2.97 9.52 -13.17
N THR B 207 -3.74 9.63 -12.08
CA THR B 207 -5.06 10.27 -12.21
C THR B 207 -4.91 11.78 -12.27
N GLY B 208 -3.70 12.26 -11.95
CA GLY B 208 -3.44 13.68 -11.83
C GLY B 208 -4.57 14.40 -11.13
N SER B 209 -4.91 13.98 -9.91
CA SER B 209 -6.03 14.57 -9.18
C SER B 209 -5.59 15.89 -8.46
N LYS B 210 -5.24 16.89 -9.27
CA LYS B 210 -4.71 18.17 -8.76
C LYS B 210 -5.74 19.11 -8.10
N ASP B 211 -5.27 20.13 -7.39
CA ASP B 211 -6.16 21.16 -6.85
C ASP B 211 -6.68 22.07 -7.97
N LEU B 212 -7.88 22.61 -7.78
CA LEU B 212 -8.45 23.64 -8.64
C LEU B 212 -8.72 24.87 -7.80
N ILE B 213 -8.38 26.06 -8.33
CA ILE B 213 -8.74 27.33 -7.67
C ILE B 213 -9.73 28.15 -8.54
N VAL B 214 -10.84 28.59 -7.95
CA VAL B 214 -11.77 29.52 -8.61
C VAL B 214 -11.69 30.87 -7.86
N ASP B 215 -11.39 31.93 -8.60
CA ASP B 215 -11.19 33.24 -7.99
C ASP B 215 -12.20 34.23 -8.56
N GLY B 216 -13.43 34.15 -8.06
CA GLY B 216 -14.48 35.10 -8.39
C GLY B 216 -14.99 34.98 -9.81
N ALA B 217 -15.42 33.78 -10.22
CA ALA B 217 -16.01 33.58 -11.54
C ALA B 217 -17.53 33.63 -11.45
N PHE B 218 -18.17 34.11 -12.51
CA PHE B 218 -19.62 34.20 -12.53
C PHE B 218 -20.22 32.94 -13.09
N VAL B 219 -21.18 32.37 -12.37
CA VAL B 219 -21.81 31.15 -12.79
C VAL B 219 -23.28 31.47 -12.92
N PRO B 220 -23.80 31.45 -14.15
CA PRO B 220 -25.24 31.60 -14.41
C PRO B 220 -26.08 30.47 -13.79
N GLY B 221 -27.28 30.83 -13.36
CA GLY B 221 -28.18 29.92 -12.67
C GLY B 221 -28.46 28.62 -13.39
N TYR B 222 -28.56 28.67 -14.73
CA TYR B 222 -28.79 27.47 -15.51
C TYR B 222 -27.59 26.49 -15.50
N ARG B 223 -26.42 26.94 -15.05
CA ARG B 223 -25.26 26.06 -14.88
C ARG B 223 -25.10 25.54 -13.44
N THR B 224 -26.21 25.47 -12.72
CA THR B 224 -26.18 25.04 -11.32
C THR B 224 -27.32 24.07 -11.07
N LEU B 225 -27.16 23.25 -10.05
CA LEU B 225 -28.25 22.48 -9.51
C LEU B 225 -28.19 22.58 -7.99
N ASN B 226 -29.37 22.51 -7.37
CA ASN B 226 -29.48 22.46 -5.92
C ASN B 226 -28.98 21.06 -5.46
N ALA B 227 -27.90 21.04 -4.70
CA ALA B 227 -27.25 19.80 -4.23
C ALA B 227 -28.18 18.90 -3.40
N ALA B 228 -29.05 19.50 -2.58
CA ALA B 228 -30.01 18.74 -1.80
C ALA B 228 -31.01 18.07 -2.73
N LYS B 229 -31.45 18.79 -3.76
CA LYS B 229 -32.38 18.23 -4.74
C LYS B 229 -31.75 17.13 -5.58
N VAL B 230 -30.48 17.27 -5.89
CA VAL B 230 -29.74 16.19 -6.56
C VAL B 230 -29.76 14.93 -5.65
N MSE B 231 -29.37 15.10 -4.40
CA MSE B 231 -29.37 14.00 -3.41
C MSE B 231 -30.70 13.27 -3.22
O MSE B 231 -30.76 12.04 -3.33
CB MSE B 231 -28.80 14.50 -2.06
CG MSE B 231 -28.35 13.34 -1.11
SE MSE B 231 -26.92 12.19 -1.84
CE MSE B 231 -25.48 13.48 -1.73
N ASP B 232 -31.78 14.00 -2.96
CA ASP B 232 -33.03 13.34 -2.59
C ASP B 232 -33.94 13.00 -3.74
N GLY B 233 -33.61 13.40 -4.96
CA GLY B 233 -34.46 13.00 -6.09
C GLY B 233 -35.29 14.11 -6.73
N ARG B 234 -35.35 15.27 -6.06
CA ARG B 234 -36.15 16.40 -6.54
C ARG B 234 -35.67 16.95 -7.89
N ALA B 235 -34.36 17.01 -8.12
CA ALA B 235 -33.82 17.49 -9.41
C ALA B 235 -34.16 16.57 -10.58
N GLN B 236 -34.14 15.27 -10.34
CA GLN B 236 -34.52 14.32 -11.38
C GLN B 236 -36.03 14.36 -11.62
N LYS B 237 -36.81 14.63 -10.56
CA LYS B 237 -38.24 14.78 -10.74
C LYS B 237 -38.57 16.03 -11.56
N GLU B 238 -37.81 17.11 -11.34
CA GLU B 238 -37.99 18.35 -12.10
C GLU B 238 -37.63 18.17 -13.58
N ALA B 239 -36.49 17.50 -13.83
CA ALA B 239 -36.04 17.21 -15.18
C ALA B 239 -37.00 16.31 -15.92
N GLY B 240 -37.68 15.40 -15.22
CA GLY B 240 -38.70 14.53 -15.81
C GLY B 240 -38.28 13.63 -16.97
N ARG B 241 -37.05 13.11 -16.96
CA ARG B 241 -36.56 12.22 -18.04
C ARG B 241 -37.21 10.86 -17.94
N PRO B 242 -37.49 10.21 -19.09
CA PRO B 242 -38.16 8.92 -19.01
C PRO B 242 -37.26 7.69 -18.75
N GLU B 243 -35.96 7.81 -19.03
CA GLU B 243 -35.04 6.65 -18.95
C GLU B 243 -34.84 6.26 -17.47
N PRO B 244 -35.09 4.98 -17.12
CA PRO B 244 -34.84 4.59 -15.71
C PRO B 244 -33.42 4.94 -15.23
N LEU B 245 -32.42 4.79 -16.08
CA LEU B 245 -31.05 5.10 -15.71
C LEU B 245 -30.88 6.48 -15.08
N PHE B 246 -31.50 7.48 -15.72
CA PHE B 246 -31.32 8.85 -15.27
C PHE B 246 -32.17 9.17 -14.05
N ASN B 247 -32.96 8.21 -13.60
CA ASN B 247 -33.74 8.33 -12.37
C ASN B 247 -33.19 7.51 -11.17
N MSE B 248 -31.96 7.04 -11.32
CA MSE B 248 -31.25 6.31 -10.25
C MSE B 248 -30.84 7.26 -9.10
O MSE B 248 -30.59 8.46 -9.35
CB MSE B 248 -30.01 5.62 -10.82
CG MSE B 248 -30.32 4.45 -11.76
SE MSE B 248 -30.87 2.83 -10.78
CE MSE B 248 -29.12 2.28 -10.02
N PRO B 249 -30.80 6.74 -7.85
CA PRO B 249 -30.29 7.55 -6.75
C PRO B 249 -28.83 7.99 -6.95
N TYR B 250 -28.58 9.28 -6.76
CA TYR B 250 -27.23 9.82 -6.81
C TYR B 250 -26.28 9.12 -5.83
N SER B 251 -26.75 8.74 -4.63
CA SER B 251 -25.86 8.09 -3.66
C SER B 251 -25.49 6.66 -4.09
N CYS B 252 -26.22 6.11 -5.05
CA CYS B 252 -25.81 4.86 -5.70
C CYS B 252 -24.83 5.14 -6.84
N MSE B 253 -25.23 6.04 -7.77
CA MSE B 253 -24.50 6.24 -9.01
C MSE B 253 -23.14 6.87 -8.85
O MSE B 253 -22.21 6.43 -9.48
CB MSE B 253 -25.33 7.06 -10.03
CG MSE B 253 -26.57 6.32 -10.52
SE MSE B 253 -26.22 4.57 -11.34
CE MSE B 253 -25.00 5.12 -12.76
N PHE B 254 -23.03 7.91 -8.03
CA PHE B 254 -21.76 8.60 -7.89
C PHE B 254 -20.69 7.66 -7.26
N PRO B 255 -20.96 7.05 -6.08
CA PRO B 255 -19.93 6.13 -5.55
C PRO B 255 -19.72 4.83 -6.34
N LEU B 256 -20.68 4.44 -7.19
CA LEU B 256 -20.61 3.20 -7.95
C LEU B 256 -19.35 3.13 -8.79
N GLY B 257 -19.10 4.20 -9.53
CA GLY B 257 -17.89 4.28 -10.35
C GLY B 257 -16.60 4.27 -9.55
N ILE B 258 -16.58 4.95 -8.41
CA ILE B 258 -15.39 5.00 -7.56
C ILE B 258 -15.07 3.60 -6.91
N THR B 259 -16.08 3.01 -6.31
CA THR B 259 -15.89 1.72 -5.68
C THR B 259 -15.66 0.63 -6.74
N ALA B 260 -16.35 0.73 -7.88
CA ALA B 260 -16.06 -0.19 -9.01
C ALA B 260 -14.56 -0.14 -9.38
N ALA B 261 -14.00 1.07 -9.44
CA ALA B 261 -12.59 1.21 -9.79
C ALA B 261 -11.68 0.53 -8.75
N VAL B 262 -11.95 0.77 -7.45
CA VAL B 262 -11.20 0.13 -6.37
C VAL B 262 -11.26 -1.39 -6.53
N ILE B 263 -12.44 -1.94 -6.72
CA ILE B 263 -12.61 -3.38 -6.92
C ILE B 263 -11.84 -3.95 -8.13
N GLY B 264 -11.99 -3.32 -9.30
CA GLY B 264 -11.19 -3.68 -10.47
C GLY B 264 -9.70 -3.57 -10.27
N ILE B 265 -9.26 -2.54 -9.55
CA ILE B 265 -7.85 -2.44 -9.18
C ILE B 265 -7.38 -3.65 -8.34
N THR B 266 -8.21 -4.12 -7.41
CA THR B 266 -7.83 -5.29 -6.62
C THR B 266 -7.85 -6.57 -7.46
N GLU B 267 -8.77 -6.68 -8.39
CA GLU B 267 -8.74 -7.74 -9.40
C GLU B 267 -7.49 -7.67 -10.27
N GLY B 268 -7.05 -6.46 -10.61
CA GLY B 268 -5.81 -6.24 -11.36
C GLY B 268 -4.58 -6.70 -10.57
N ALA B 269 -4.56 -6.42 -9.25
CA ALA B 269 -3.46 -6.88 -8.37
C ALA B 269 -3.41 -8.40 -8.32
N LEU B 270 -4.57 -9.04 -8.17
CA LEU B 270 -4.67 -10.49 -8.23
C LEU B 270 -4.20 -11.08 -9.59
N ALA B 271 -4.62 -10.48 -10.69
CA ALA B 271 -4.15 -10.89 -12.02
C ALA B 271 -2.64 -10.74 -12.21
N CYS B 272 -2.04 -9.71 -11.62
CA CYS B 272 -0.60 -9.55 -11.70
C CYS B 272 0.10 -10.66 -10.92
N HIS B 273 -0.44 -11.00 -9.75
CA HIS B 273 0.10 -12.09 -9.01
C HIS B 273 0.02 -13.40 -9.81
N ILE B 274 -1.16 -13.72 -10.32
CA ILE B 274 -1.37 -14.87 -11.20
C ILE B 274 -0.40 -14.90 -12.40
N ALA B 275 -0.18 -13.75 -13.04
CA ALA B 275 0.68 -13.69 -14.23
C ALA B 275 2.13 -13.98 -13.88
N VAL B 276 2.55 -13.60 -12.68
CA VAL B 276 3.90 -13.89 -12.27
C VAL B 276 4.12 -15.41 -12.37
N GLN B 277 3.17 -16.17 -11.84
CA GLN B 277 3.33 -17.63 -11.73
C GLN B 277 3.15 -18.29 -13.09
N LYS B 278 2.10 -17.91 -13.81
CA LYS B 278 1.80 -18.46 -15.12
C LYS B 278 2.95 -18.21 -16.12
N ASP B 279 3.53 -17.00 -16.10
CA ASP B 279 4.60 -16.65 -17.04
C ASP B 279 5.87 -17.43 -16.73
N ARG B 280 6.14 -17.67 -15.46
CA ARG B 280 7.31 -18.45 -15.10
C ARG B 280 7.18 -19.88 -15.67
N VAL B 281 6.02 -20.50 -15.47
CA VAL B 281 5.75 -21.85 -15.93
C VAL B 281 5.78 -21.94 -17.46
N ALA B 282 5.22 -20.92 -18.13
CA ALA B 282 5.30 -20.85 -19.59
C ALA B 282 6.77 -20.81 -20.06
N ILE B 283 7.63 -20.12 -19.32
CA ILE B 283 9.04 -20.01 -19.63
C ILE B 283 9.86 -21.28 -19.34
N THR B 284 9.59 -21.94 -18.20
CA THR B 284 10.41 -23.07 -17.75
C THR B 284 9.83 -24.43 -18.14
N GLY B 285 8.52 -24.45 -18.35
CA GLY B 285 7.82 -25.67 -18.76
C GLY B 285 7.49 -26.64 -17.62
N GLN B 286 7.97 -26.32 -16.42
CA GLN B 286 7.69 -27.17 -15.26
C GLN B 286 6.43 -26.71 -14.48
N LYS B 287 5.64 -27.69 -14.06
CA LYS B 287 4.41 -27.47 -13.29
C LYS B 287 4.56 -26.49 -12.12
N ILE B 288 3.46 -25.81 -11.81
CA ILE B 288 3.36 -24.88 -10.66
C ILE B 288 3.89 -25.55 -9.39
N LYS B 289 4.76 -24.85 -8.68
CA LYS B 289 5.22 -25.33 -7.38
C LYS B 289 4.15 -24.93 -6.35
N GLU B 290 3.42 -25.93 -5.86
CA GLU B 290 2.28 -25.72 -4.98
C GLU B 290 2.68 -25.44 -3.52
N ASP B 291 2.31 -24.26 -3.05
CA ASP B 291 2.47 -23.90 -1.65
C ASP B 291 1.05 -23.86 -1.11
N PRO B 292 0.71 -24.78 -0.18
CA PRO B 292 -0.70 -24.83 0.22
C PRO B 292 -1.15 -23.60 1.02
N TYR B 293 -0.20 -22.95 1.73
CA TYR B 293 -0.47 -21.78 2.57
C TYR B 293 -0.79 -20.58 1.68
N VAL B 294 0.07 -20.32 0.71
CA VAL B 294 -0.15 -19.22 -0.23
C VAL B 294 -1.37 -19.45 -1.14
N LEU B 295 -1.51 -20.65 -1.70
CA LEU B 295 -2.64 -20.94 -2.58
C LEU B 295 -3.98 -20.89 -1.89
N SER B 296 -4.08 -21.45 -0.68
CA SER B 296 -5.35 -21.33 0.02
C SER B 296 -5.68 -19.86 0.35
N ALA B 297 -4.67 -19.06 0.68
CA ALA B 297 -4.87 -17.62 1.01
C ALA B 297 -5.26 -16.80 -0.23
N ILE B 298 -4.61 -17.06 -1.37
CA ILE B 298 -5.04 -16.47 -2.65
C ILE B 298 -6.53 -16.78 -2.92
N GLY B 299 -6.93 -18.04 -2.72
CA GLY B 299 -8.34 -18.43 -2.84
C GLY B 299 -9.27 -17.65 -1.91
N GLU B 300 -8.89 -17.52 -0.64
CA GLU B 300 -9.70 -16.78 0.31
C GLU B 300 -9.87 -15.33 -0.16
N SER B 301 -8.79 -14.73 -0.62
CA SER B 301 -8.78 -13.34 -1.06
C SER B 301 -9.60 -13.15 -2.34
N ALA B 302 -9.40 -14.04 -3.32
CA ALA B 302 -10.22 -14.03 -4.53
C ALA B 302 -11.73 -14.07 -4.20
N ALA B 303 -12.13 -14.91 -3.24
CA ALA B 303 -13.51 -15.02 -2.85
C ALA B 303 -14.05 -13.72 -2.26
N GLU B 304 -13.23 -13.03 -1.46
CA GLU B 304 -13.63 -11.76 -0.86
C GLU B 304 -13.82 -10.65 -1.92
N ILE B 305 -12.90 -10.55 -2.88
CA ILE B 305 -13.01 -9.56 -3.95
C ILE B 305 -14.28 -9.84 -4.80
N ASN B 306 -14.57 -11.10 -5.07
CA ASN B 306 -15.78 -11.44 -5.81
C ASN B 306 -17.03 -10.98 -5.07
N ALA B 307 -17.06 -11.19 -3.75
CA ALA B 307 -18.22 -10.79 -2.94
C ALA B 307 -18.46 -9.29 -3.05
N SER B 308 -17.39 -8.53 -3.13
CA SER B 308 -17.44 -7.08 -3.31
C SER B 308 -18.00 -6.71 -4.70
N ARG B 309 -17.41 -7.30 -5.76
CA ARG B 309 -17.96 -7.17 -7.12
C ARG B 309 -19.46 -7.43 -7.17
N VAL B 310 -19.93 -8.56 -6.63
CA VAL B 310 -21.32 -8.92 -6.85
C VAL B 310 -22.22 -8.11 -5.94
N SER B 311 -21.73 -7.75 -4.75
CA SER B 311 -22.56 -6.99 -3.81
C SER B 311 -22.80 -5.56 -4.29
N LEU B 312 -21.75 -4.91 -4.78
CA LEU B 312 -21.88 -3.57 -5.32
C LEU B 312 -22.88 -3.52 -6.47
N ILE B 313 -22.76 -4.45 -7.40
CA ILE B 313 -23.58 -4.45 -8.59
C ILE B 313 -25.02 -4.85 -8.27
N GLU B 314 -25.22 -5.80 -7.36
CA GLU B 314 -26.59 -6.19 -6.98
C GLU B 314 -27.43 -5.01 -6.50
N THR B 315 -26.87 -4.10 -5.74
CA THR B 315 -27.62 -2.91 -5.32
C THR B 315 -28.15 -2.13 -6.53
N ALA B 316 -27.29 -1.88 -7.51
CA ALA B 316 -27.65 -1.17 -8.73
C ALA B 316 -28.73 -1.90 -9.52
N ASP B 317 -28.56 -3.22 -9.70
CA ASP B 317 -29.56 -4.05 -10.37
C ASP B 317 -30.94 -3.88 -9.76
N ARG B 318 -31.02 -4.05 -8.44
CA ARG B 318 -32.28 -3.94 -7.72
C ARG B 318 -32.85 -2.50 -7.78
N PHE B 319 -31.99 -1.50 -7.60
CA PHE B 319 -32.43 -0.10 -7.70
C PHE B 319 -33.01 0.16 -9.13
N TYR B 320 -32.31 -0.32 -10.16
CA TYR B 320 -32.76 -0.14 -11.54
C TYR B 320 -34.15 -0.71 -11.78
N ASP B 321 -34.35 -1.95 -11.35
CA ASP B 321 -35.63 -2.62 -11.52
C ASP B 321 -36.77 -1.84 -10.81
N LYS B 322 -36.52 -1.33 -9.60
CA LYS B 322 -37.52 -0.55 -8.89
C LYS B 322 -37.90 0.74 -9.64
N VAL B 323 -36.89 1.48 -10.10
CA VAL B 323 -37.09 2.69 -10.90
C VAL B 323 -37.84 2.34 -12.18
N ASP B 324 -37.41 1.29 -12.86
CA ASP B 324 -38.06 0.82 -14.08
C ASP B 324 -39.53 0.44 -13.85
N ALA B 325 -39.84 -0.10 -12.67
CA ALA B 325 -41.21 -0.46 -12.29
C ALA B 325 -42.02 0.73 -11.75
N GLY B 326 -41.41 1.90 -11.66
CA GLY B 326 -42.13 3.07 -11.18
C GLY B 326 -42.20 3.16 -9.67
N LYS B 327 -41.43 2.32 -8.98
CA LYS B 327 -41.34 2.36 -7.52
C LYS B 327 -40.27 3.34 -7.06
N GLU B 328 -40.48 3.94 -5.90
CA GLU B 328 -39.49 4.86 -5.36
C GLU B 328 -38.54 4.17 -4.37
N ILE B 329 -37.31 4.63 -4.34
CA ILE B 329 -36.28 3.96 -3.56
C ILE B 329 -36.19 4.72 -2.27
N THR B 330 -36.53 4.06 -1.18
CA THR B 330 -36.61 4.71 0.12
C THR B 330 -35.24 5.13 0.70
N PHE B 331 -35.27 6.04 1.67
CA PHE B 331 -34.07 6.50 2.36
C PHE B 331 -33.31 5.33 3.00
N GLU B 332 -34.05 4.38 3.58
CA GLU B 332 -33.45 3.21 4.20
C GLU B 332 -32.75 2.30 3.15
N GLU B 333 -33.37 2.13 2.00
CA GLU B 333 -32.78 1.33 0.95
C GLU B 333 -31.50 1.96 0.43
N ARG B 334 -31.53 3.29 0.29
CA ARG B 334 -30.36 4.04 -0.15
C ARG B 334 -29.26 3.98 0.89
N ALA B 335 -29.64 4.09 2.16
CA ALA B 335 -28.69 3.98 3.27
C ALA B 335 -27.96 2.63 3.29
N ILE B 336 -28.70 1.54 3.08
CA ILE B 336 -28.14 0.19 3.00
C ILE B 336 -27.29 0.02 1.75
N GLY B 337 -27.72 0.64 0.65
CA GLY B 337 -26.93 0.63 -0.58
C GLY B 337 -25.54 1.21 -0.39
N ARG B 338 -25.48 2.35 0.30
CA ARG B 338 -24.21 2.98 0.66
C ARG B 338 -23.37 2.12 1.60
N ARG B 339 -23.98 1.56 2.63
CA ARG B 339 -23.24 0.66 3.55
C ARG B 339 -22.62 -0.51 2.75
N THR B 340 -23.41 -1.11 1.86
CA THR B 340 -22.94 -2.21 1.01
C THR B 340 -21.77 -1.79 0.11
N GLN B 341 -21.89 -0.61 -0.50
CA GLN B 341 -20.86 -0.07 -1.39
C GLN B 341 -19.55 0.22 -0.64
N ILE B 342 -19.67 0.86 0.51
CA ILE B 342 -18.52 1.13 1.35
C ILE B 342 -17.83 -0.17 1.78
N ALA B 343 -18.60 -1.13 2.30
CA ALA B 343 -18.02 -2.39 2.76
C ALA B 343 -17.30 -3.12 1.61
N ALA B 344 -17.86 -3.02 0.39
CA ALA B 344 -17.27 -3.68 -0.77
C ALA B 344 -15.85 -3.20 -1.03
N ALA B 345 -15.61 -1.89 -0.90
CA ALA B 345 -14.26 -1.34 -1.07
C ALA B 345 -13.28 -1.85 -0.02
N TRP B 346 -13.68 -1.81 1.25
CA TRP B 346 -12.79 -2.23 2.34
C TRP B 346 -12.44 -3.73 2.22
N ARG B 347 -13.44 -4.54 1.90
CA ARG B 347 -13.32 -6.00 1.77
C ARG B 347 -12.32 -6.31 0.68
N ALA B 348 -12.46 -5.62 -0.45
CA ALA B 348 -11.54 -5.81 -1.57
C ALA B 348 -10.08 -5.41 -1.30
N VAL B 349 -9.87 -4.25 -0.68
CA VAL B 349 -8.51 -3.77 -0.39
C VAL B 349 -7.83 -4.71 0.64
N ARG B 350 -8.57 -5.11 1.66
CA ARG B 350 -8.02 -6.04 2.67
C ARG B 350 -7.62 -7.37 2.00
N ALA B 351 -8.45 -7.87 1.10
CA ALA B 351 -8.15 -9.08 0.33
C ALA B 351 -6.91 -8.96 -0.53
N ALA B 352 -6.74 -7.82 -1.20
CA ALA B 352 -5.55 -7.57 -1.98
C ALA B 352 -4.28 -7.50 -1.11
N ASP B 353 -4.37 -6.85 0.06
CA ASP B 353 -3.29 -6.80 1.04
C ASP B 353 -2.78 -8.21 1.45
N GLU B 354 -3.70 -9.15 1.67
CA GLU B 354 -3.31 -10.51 2.03
C GLU B 354 -2.46 -11.19 0.94
N ILE B 355 -2.77 -10.91 -0.32
CA ILE B 355 -1.98 -11.45 -1.47
C ILE B 355 -0.65 -10.73 -1.61
N PHE B 356 -0.68 -9.40 -1.60
CA PHE B 356 0.56 -8.66 -1.71
C PHE B 356 1.55 -9.03 -0.60
N ALA B 357 1.04 -9.26 0.63
CA ALA B 357 1.90 -9.60 1.77
C ALA B 357 2.56 -10.98 1.58
N ARG B 358 2.01 -11.79 0.68
CA ARG B 358 2.57 -13.10 0.35
C ARG B 358 3.31 -13.14 -1.03
N ALA B 359 3.58 -11.97 -1.62
CA ALA B 359 4.12 -11.94 -2.98
C ALA B 359 5.67 -11.95 -2.97
N GLY B 360 6.28 -11.64 -1.82
CA GLY B 360 7.74 -11.67 -1.68
C GLY B 360 8.45 -10.37 -1.93
N GLY B 361 9.77 -10.37 -1.74
CA GLY B 361 10.59 -9.17 -1.88
C GLY B 361 10.66 -8.67 -3.32
N GLY B 362 10.51 -9.58 -4.28
CA GLY B 362 10.56 -9.20 -5.71
C GLY B 362 9.40 -8.28 -6.09
N ALA B 363 8.26 -8.50 -5.45
CA ALA B 363 7.04 -7.69 -5.64
C ALA B 363 7.11 -6.25 -5.11
N LEU B 364 8.17 -5.94 -4.36
CA LEU B 364 8.41 -4.58 -3.90
C LEU B 364 8.94 -3.65 -4.99
N HIS B 365 9.44 -4.23 -6.08
CA HIS B 365 10.15 -3.45 -7.08
C HIS B 365 9.23 -2.71 -8.03
N TYR B 366 9.54 -1.44 -8.26
CA TYR B 366 8.78 -0.61 -9.19
C TYR B 366 8.67 -1.18 -10.61
N LYS B 367 9.62 -2.04 -11.00
CA LYS B 367 9.61 -2.66 -12.32
C LYS B 367 8.48 -3.69 -12.47
N THR B 368 7.89 -4.11 -11.35
CA THR B 368 6.82 -5.10 -11.42
C THR B 368 5.48 -4.41 -11.17
N PRO B 369 4.43 -4.79 -11.92
CA PRO B 369 3.14 -4.06 -11.88
C PRO B 369 2.24 -4.26 -10.63
N MSE B 370 2.30 -5.42 -9.99
CA MSE B 370 1.39 -5.69 -8.89
C MSE B 370 1.41 -4.62 -7.82
O MSE B 370 0.36 -4.17 -7.37
CB MSE B 370 1.65 -7.06 -8.24
CG MSE B 370 0.56 -7.44 -7.27
SE MSE B 370 1.04 -8.95 -6.12
CE MSE B 370 -0.77 -9.15 -5.40
N GLN B 371 2.60 -4.16 -7.47
CA GLN B 371 2.73 -3.15 -6.43
C GLN B 371 2.03 -1.83 -6.77
N ARG B 372 1.91 -1.52 -8.08
CA ARG B 372 1.20 -0.31 -8.50
C ARG B 372 -0.30 -0.45 -8.23
N PHE B 373 -0.87 -1.62 -8.55
CA PHE B 373 -2.27 -1.90 -8.23
C PHE B 373 -2.49 -1.88 -6.71
N TRP B 374 -1.54 -2.43 -5.96
CA TRP B 374 -1.61 -2.41 -4.50
C TRP B 374 -1.66 -0.96 -3.97
N ARG B 375 -0.73 -0.11 -4.41
CA ARG B 375 -0.68 1.29 -4.00
C ARG B 375 -1.93 2.07 -4.42
N ASP B 376 -2.40 1.85 -5.65
CA ASP B 376 -3.62 2.49 -6.18
C ASP B 376 -4.85 2.11 -5.38
N ALA B 377 -4.99 0.83 -4.97
CA ALA B 377 -6.13 0.40 -4.14
C ALA B 377 -6.21 1.18 -2.83
N HIS B 378 -5.07 1.39 -2.18
CA HIS B 378 -4.99 2.16 -0.94
C HIS B 378 -5.26 3.64 -1.14
N ALA B 379 -4.74 4.21 -2.23
CA ALA B 379 -5.07 5.57 -2.61
C ALA B 379 -6.59 5.75 -2.79
N GLY B 380 -7.23 4.82 -3.48
CA GLY B 380 -8.66 4.87 -3.71
C GLY B 380 -9.50 4.72 -2.47
N LEU B 381 -9.03 3.85 -1.55
CA LEU B 381 -9.71 3.65 -0.29
C LEU B 381 -9.77 4.93 0.54
N ALA B 382 -8.86 5.88 0.29
CA ALA B 382 -8.78 7.15 1.04
C ALA B 382 -9.89 8.12 0.67
N HIS B 383 -10.63 7.85 -0.40
CA HIS B 383 -11.65 8.78 -0.86
C HIS B 383 -12.81 8.87 0.14
N ALA B 384 -13.43 10.05 0.20
CA ALA B 384 -14.51 10.32 1.14
C ALA B 384 -15.72 9.39 0.99
N VAL B 385 -15.98 8.87 -0.21
CA VAL B 385 -17.09 7.93 -0.34
C VAL B 385 -16.81 6.54 0.30
N HIS B 386 -15.60 6.34 0.82
CA HIS B 386 -15.29 5.10 1.55
C HIS B 386 -15.23 5.21 3.09
N VAL B 387 -15.40 6.42 3.65
CA VAL B 387 -15.46 6.58 5.12
C VAL B 387 -16.65 5.78 5.64
N PRO B 388 -16.41 4.76 6.51
CA PRO B 388 -17.49 3.83 6.90
C PRO B 388 -18.40 4.18 8.10
N GLY B 389 -17.85 4.84 9.11
CA GLY B 389 -18.51 4.90 10.43
C GLY B 389 -19.90 5.52 10.45
N PRO B 390 -20.01 6.80 10.06
CA PRO B 390 -21.35 7.44 10.08
C PRO B 390 -22.41 6.70 9.27
N THR B 391 -22.04 6.18 8.09
CA THR B 391 -23.02 5.46 7.25
C THR B 391 -23.43 4.11 7.87
N ASN B 392 -22.45 3.37 8.41
CA ASN B 392 -22.78 2.12 9.12
C ASN B 392 -23.74 2.40 10.29
N HIS B 393 -23.43 3.43 11.05
CA HIS B 393 -24.24 3.85 12.18
C HIS B 393 -25.62 4.28 11.69
N ALA B 394 -25.67 5.16 10.70
CA ALA B 394 -26.96 5.69 10.20
C ALA B 394 -27.87 4.61 9.62
N SER B 395 -27.31 3.72 8.77
CA SER B 395 -28.09 2.63 8.25
C SER B 395 -28.58 1.65 9.32
N ALA B 396 -27.73 1.32 10.30
CA ALA B 396 -28.18 0.43 11.38
C ALA B 396 -29.29 1.11 12.16
N LEU B 397 -29.13 2.42 12.42
CA LEU B 397 -30.16 3.22 13.10
C LEU B 397 -31.53 3.13 12.41
N THR B 398 -31.59 3.23 11.08
CA THR B 398 -32.87 3.09 10.36
C THR B 398 -33.44 1.69 10.49
N GLN B 399 -32.58 0.68 10.60
CA GLN B 399 -33.04 -0.70 10.76
C GLN B 399 -33.58 -0.94 12.18
N LEU B 400 -33.07 -0.19 13.16
CA LEU B 400 -33.64 -0.17 14.52
C LEU B 400 -34.90 0.73 14.61
N GLY B 401 -35.36 1.29 13.49
CA GLY B 401 -36.58 2.07 13.44
C GLY B 401 -36.41 3.52 13.89
N GLY B 402 -35.16 3.97 14.02
CA GLY B 402 -34.88 5.37 14.28
C GLY B 402 -34.74 6.14 12.97
N GLU B 403 -34.45 7.42 13.09
CA GLU B 403 -34.30 8.28 11.91
C GLU B 403 -33.08 9.19 12.09
N PRO B 404 -32.04 8.96 11.27
CA PRO B 404 -30.82 9.75 11.36
C PRO B 404 -31.13 11.24 11.14
N GLN B 405 -30.38 12.11 11.78
CA GLN B 405 -30.56 13.53 11.47
C GLN B 405 -29.30 14.33 11.28
N GLY B 406 -29.49 15.51 10.70
CA GLY B 406 -28.39 16.43 10.43
C GLY B 406 -27.40 15.79 9.49
N MSE B 407 -26.13 15.80 9.91
CA MSE B 407 -25.00 15.33 9.11
CA MSE B 407 -25.04 15.34 9.06
C MSE B 407 -25.04 13.82 8.91
O MSE B 407 -24.33 13.29 8.04
CB MSE B 407 -23.69 15.71 9.82
CB MSE B 407 -23.70 15.86 9.55
CG MSE B 407 -23.18 17.11 9.49
CG MSE B 407 -23.43 17.33 9.15
SE MSE B 407 -21.53 17.60 10.45
SE MSE B 407 -23.59 17.66 7.23
CE MSE B 407 -20.43 16.02 10.09
CE MSE B 407 -22.02 16.70 6.58
N MSE B 408 -25.84 13.15 9.72
CA MSE B 408 -25.94 11.70 9.68
CA MSE B 408 -25.94 11.70 9.67
C MSE B 408 -26.77 11.23 8.49
O MSE B 408 -26.77 10.04 8.15
CB MSE B 408 -26.49 11.19 11.00
CB MSE B 408 -26.53 11.17 10.98
CG MSE B 408 -25.57 11.50 12.21
CG MSE B 408 -25.48 11.01 12.07
SE MSE B 408 -23.75 10.67 12.06
SE MSE B 408 -24.69 9.20 12.07
CE MSE B 408 -22.64 12.30 12.04
CE MSE B 408 -26.34 8.31 12.65
N ARG B 409 -27.45 12.17 7.84
CA ARG B 409 -28.21 11.89 6.64
C ARG B 409 -27.40 12.17 5.37
N ALA B 410 -26.17 12.65 5.51
CA ALA B 410 -25.36 13.06 4.36
C ALA B 410 -25.00 11.88 3.42
N MSE B 411 -24.99 12.14 2.10
CA MSE B 411 -24.56 11.15 1.10
C MSE B 411 -25.43 9.88 1.04
O MSE B 411 -24.96 8.81 0.64
CB MSE B 411 -23.07 10.81 1.25
CG MSE B 411 -22.15 11.57 0.30
SE MSE B 411 -22.55 11.31 -1.63
CE MSE B 411 -22.81 9.40 -1.67
N ILE B 412 -26.69 10.05 1.39
CA ILE B 412 -27.71 9.02 1.20
C ILE B 412 -28.87 9.63 0.37
C ACT C . 26.63 -30.83 9.16
O ACT C . 25.41 -30.93 9.43
OXT ACT C . 27.39 -31.19 10.07
CH3 ACT C . 27.16 -30.32 7.85
C ACT D . -8.14 15.99 5.13
O ACT D . -8.52 15.13 4.29
OXT ACT D . -8.84 16.06 6.16
CH3 ACT D . -6.93 16.85 4.93
C ACT E . 17.16 -29.10 15.50
O ACT E . 16.51 -29.95 16.17
OXT ACT E . 17.94 -28.40 16.18
CH3 ACT E . 17.02 -28.95 14.01
C ACT F . 2.67 -18.10 3.60
O ACT F . 3.28 -19.11 3.85
OXT ACT F . 3.41 -17.16 3.19
CH3 ACT F . 1.17 -18.03 3.73
C ACT G . -1.63 -7.50 5.63
O ACT G . -1.27 -6.32 5.40
OXT ACT G . -2.85 -7.86 5.56
CH3 ACT G . -0.63 -8.53 6.01
C ACT H . 28.99 -32.39 14.85
O ACT H . 29.91 -32.68 14.04
OXT ACT H . 29.19 -31.39 15.57
CH3 ACT H . 27.71 -33.17 14.94
C ACT I . -33.66 23.02 -0.18
O ACT I . -33.60 21.98 0.52
OXT ACT I . -34.68 23.13 -0.90
CH3 ACT I . -32.57 24.04 -0.13
C ACT J . -34.08 12.38 2.39
O ACT J . -34.56 11.73 1.43
OXT ACT J . -34.53 12.08 3.51
CH3 ACT J . -33.04 13.44 2.24
C ACT K . -18.37 11.32 -31.43
O ACT K . -17.74 11.87 -30.50
OXT ACT K . -19.64 11.35 -31.33
CH3 ACT K . -17.65 10.66 -32.57
C ACT L . -10.52 14.03 -23.93
O ACT L . -10.39 14.69 -22.88
OXT ACT L . -11.68 14.10 -24.41
CH3 ACT L . -9.39 13.26 -24.54
C ACT M . -15.07 -1.73 7.71
O ACT M . -15.21 -2.89 7.22
OXT ACT M . -14.38 -1.62 8.75
CH3 ACT M . -15.72 -0.56 7.06
C ACT N . -22.19 -0.16 -26.16
O ACT N . -21.58 -0.18 -25.02
OXT ACT N . -23.40 -0.48 -26.17
CH3 ACT N . -21.54 0.17 -27.50
#